data_1GTM
#
_entry.id   1GTM
#
_cell.length_a   167.200
_cell.length_b   167.200
_cell.length_c   172.900
_cell.angle_alpha   90.00
_cell.angle_beta   90.00
_cell.angle_gamma   90.00
#
_symmetry.space_group_name_H-M   'P 42 21 2'
#
loop_
_entity.id
_entity.type
_entity.pdbx_description
1 polymer 'GLUTAMATE DEHYDROGENASE'
2 non-polymer 'SULFATE ION'
3 water water
#
_entity_poly.entity_id   1
_entity_poly.type   'polypeptide(L)'
_entity_poly.pdbx_seq_one_letter_code
;VEADPYEIVIKQLERAAQYMEISEEALEFLKRPQRIVEVTIPVEMDDGSVKVFTGFRVQHNWARGPTKGGIRWHPEETLS
TVKALAAWMTWKTAVMDLPYGGGKGGIIVDPKKLSDREKERLARGYIRAIYDVISPYEDIPAPDVYTNPQIMAWMMDEYE
TISRRKTPAFGIITGKPLSIGGSLGRIEATARGASYTIREAAKVLGWDTLKGKTIAIQGYGNAGYYLAKIMSEDFGMKVV
AVSDSKGGIYNPDGLNADEVLKWKNEHGSVKDFPGATNITNEELLELEVDVLAPAAIEEVITKKNADNIKAKIVAEVANG
PVTPEADEILFEKGILQIPDFLCNAGGVTVSYFEWVQNITGYYWTIEEVRERLDKKMTKAFYDVYNIAKEKNIHMRDAAY
VVAVQRVYQAMLDRGWVKH
;
_entity_poly.pdbx_strand_id   A,B,C
#
loop_
_chem_comp.id
_chem_comp.type
_chem_comp.name
_chem_comp.formula
SO4 non-polymer 'SULFATE ION' 'O4 S -2'
#
# COMPACT_ATOMS: atom_id res chain seq x y z
N ALA A 3 -36.68 -15.31 -9.94
CA ALA A 3 -36.49 -15.78 -11.32
C ALA A 3 -35.67 -17.05 -11.42
N ASP A 4 -36.33 -18.19 -11.16
CA ASP A 4 -35.73 -19.51 -11.08
C ASP A 4 -34.41 -19.53 -10.32
N PRO A 5 -33.34 -19.13 -11.01
CA PRO A 5 -32.05 -19.10 -10.37
C PRO A 5 -32.05 -17.95 -9.38
N TYR A 6 -32.63 -16.83 -9.82
CA TYR A 6 -32.72 -15.70 -8.95
C TYR A 6 -33.64 -15.99 -7.79
N GLU A 7 -34.69 -16.74 -8.08
CA GLU A 7 -35.65 -17.20 -7.07
C GLU A 7 -34.92 -17.95 -5.96
N ILE A 8 -33.99 -18.82 -6.35
CA ILE A 8 -33.20 -19.58 -5.38
C ILE A 8 -32.44 -18.81 -4.27
N VAL A 9 -31.88 -17.68 -4.63
CA VAL A 9 -31.13 -16.84 -3.70
C VAL A 9 -31.98 -16.20 -2.60
N ILE A 10 -33.06 -15.60 -3.08
CA ILE A 10 -33.97 -14.95 -2.18
C ILE A 10 -34.37 -15.95 -1.10
N LYS A 11 -34.45 -17.18 -1.56
CA LYS A 11 -34.77 -18.30 -0.73
C LYS A 11 -33.68 -18.49 0.32
N GLN A 12 -32.42 -18.61 -0.14
CA GLN A 12 -31.29 -18.74 0.78
C GLN A 12 -31.22 -17.61 1.80
N LEU A 13 -31.66 -16.47 1.31
CA LEU A 13 -31.71 -15.28 2.09
C LEU A 13 -32.79 -15.48 3.15
N GLU A 14 -33.93 -15.96 2.70
CA GLU A 14 -34.98 -16.21 3.69
C GLU A 14 -34.74 -17.13 4.86
N ARG A 15 -33.99 -18.20 4.57
CA ARG A 15 -33.51 -19.16 5.54
C ARG A 15 -32.64 -18.52 6.63
N ALA A 16 -31.44 -18.06 6.28
CA ALA A 16 -30.53 -17.37 7.19
C ALA A 16 -31.24 -16.42 8.14
N ALA A 17 -32.25 -15.81 7.57
CA ALA A 17 -32.99 -14.87 8.36
C ALA A 17 -33.61 -15.56 9.54
N GLN A 18 -33.87 -16.83 9.35
CA GLN A 18 -34.46 -17.44 10.50
C GLN A 18 -33.45 -17.66 11.58
N TYR A 19 -32.18 -17.51 11.27
CA TYR A 19 -31.27 -17.72 12.36
C TYR A 19 -30.65 -16.47 12.88
N MET A 20 -31.18 -15.37 12.42
CA MET A 20 -30.62 -14.13 12.92
C MET A 20 -31.67 -13.03 12.90
N GLU A 21 -31.25 -11.92 13.54
CA GLU A 21 -32.15 -10.81 13.53
C GLU A 21 -31.69 -9.80 12.49
N ILE A 22 -32.66 -9.45 11.64
CA ILE A 22 -32.57 -8.54 10.52
C ILE A 22 -33.98 -8.01 10.23
N SER A 23 -34.11 -6.70 10.04
CA SER A 23 -35.39 -6.08 9.69
C SER A 23 -35.90 -6.50 8.32
N GLU A 24 -37.18 -6.27 8.04
CA GLU A 24 -37.75 -6.56 6.73
C GLU A 24 -37.20 -5.58 5.69
N GLU A 25 -36.96 -4.36 6.20
CA GLU A 25 -36.35 -3.25 5.50
C GLU A 25 -35.05 -3.74 4.84
N ALA A 26 -34.14 -4.26 5.69
CA ALA A 26 -32.87 -4.81 5.25
C ALA A 26 -33.07 -5.94 4.24
N LEU A 27 -33.98 -6.80 4.59
CA LEU A 27 -34.24 -7.91 3.74
C LEU A 27 -34.71 -7.50 2.36
N GLU A 28 -35.68 -6.62 2.32
CA GLU A 28 -36.17 -6.24 1.01
C GLU A 28 -35.09 -5.59 0.17
N PHE A 29 -34.23 -4.89 0.84
CA PHE A 29 -33.16 -4.22 0.14
C PHE A 29 -32.21 -5.28 -0.41
N LEU A 30 -31.92 -6.27 0.39
CA LEU A 30 -30.98 -7.26 -0.12
C LEU A 30 -31.50 -8.12 -1.23
N LYS A 31 -32.79 -8.15 -1.39
CA LYS A 31 -33.35 -9.02 -2.40
C LYS A 31 -33.15 -8.46 -3.79
N ARG A 32 -32.91 -7.17 -3.86
CA ARG A 32 -32.74 -6.49 -5.14
C ARG A 32 -31.32 -5.93 -5.28
N PRO A 33 -30.74 -6.14 -6.43
CA PRO A 33 -29.46 -5.57 -6.76
C PRO A 33 -29.56 -4.04 -6.87
N GLN A 34 -28.53 -3.35 -6.43
CA GLN A 34 -28.68 -1.92 -6.53
C GLN A 34 -28.63 -1.39 -7.94
N ARG A 35 -27.81 -1.94 -8.83
CA ARG A 35 -27.72 -1.37 -10.17
C ARG A 35 -27.57 -2.43 -11.22
N ILE A 36 -28.24 -2.29 -12.33
CA ILE A 36 -28.01 -3.27 -13.38
C ILE A 36 -27.83 -2.49 -14.66
N VAL A 37 -26.86 -2.91 -15.41
CA VAL A 37 -26.72 -2.22 -16.70
C VAL A 37 -26.84 -3.23 -17.84
N GLU A 38 -27.62 -2.94 -18.87
CA GLU A 38 -27.66 -3.96 -19.91
C GLU A 38 -27.39 -3.24 -21.20
N VAL A 39 -26.41 -3.71 -21.96
CA VAL A 39 -26.03 -2.97 -23.13
C VAL A 39 -26.03 -3.86 -24.35
N THR A 40 -26.10 -3.22 -25.53
CA THR A 40 -25.95 -3.77 -26.89
C THR A 40 -24.50 -3.51 -27.35
N ILE A 41 -23.69 -4.53 -27.68
CA ILE A 41 -22.30 -4.34 -28.15
C ILE A 41 -22.17 -4.67 -29.63
N PRO A 42 -21.89 -3.68 -30.47
CA PRO A 42 -21.78 -4.03 -31.87
C PRO A 42 -20.38 -4.49 -32.12
N VAL A 43 -20.24 -5.61 -32.81
CA VAL A 43 -18.93 -6.17 -33.13
C VAL A 43 -18.81 -6.29 -34.64
N GLU A 44 -17.73 -5.71 -35.16
CA GLU A 44 -17.43 -5.80 -36.58
C GLU A 44 -16.91 -7.20 -36.81
N MET A 45 -17.68 -8.04 -37.45
CA MET A 45 -17.17 -9.36 -37.67
C MET A 45 -16.10 -9.36 -38.74
N ASP A 46 -15.39 -10.48 -38.77
CA ASP A 46 -14.31 -10.65 -39.72
C ASP A 46 -14.77 -10.51 -41.17
N ASP A 47 -16.03 -10.85 -41.44
CA ASP A 47 -16.64 -10.76 -42.75
C ASP A 47 -16.97 -9.32 -43.10
N GLY A 48 -16.69 -8.35 -42.22
CA GLY A 48 -16.94 -6.93 -42.51
C GLY A 48 -18.35 -6.42 -42.21
N SER A 49 -19.15 -7.27 -41.60
CA SER A 49 -20.47 -6.85 -41.17
C SER A 49 -20.41 -6.66 -39.66
N VAL A 50 -21.38 -5.95 -39.12
CA VAL A 50 -21.39 -5.76 -37.69
C VAL A 50 -22.45 -6.66 -37.08
N LYS A 51 -22.16 -7.24 -35.95
CA LYS A 51 -23.20 -8.03 -35.32
C LYS A 51 -23.36 -7.46 -33.93
N VAL A 52 -24.58 -7.42 -33.36
CA VAL A 52 -24.69 -6.89 -32.01
C VAL A 52 -24.96 -8.01 -31.03
N PHE A 53 -24.39 -7.91 -29.82
CA PHE A 53 -24.48 -8.88 -28.73
C PHE A 53 -25.10 -8.26 -27.50
N THR A 54 -25.75 -9.03 -26.66
CA THR A 54 -26.32 -8.37 -25.55
C THR A 54 -25.45 -8.62 -24.36
N GLY A 55 -25.19 -7.60 -23.55
CA GLY A 55 -24.34 -7.79 -22.40
C GLY A 55 -24.92 -7.17 -21.14
N PHE A 56 -24.39 -7.65 -20.02
CA PHE A 56 -24.86 -7.11 -18.75
C PHE A 56 -23.72 -7.01 -17.75
N ARG A 57 -23.90 -6.08 -16.82
CA ARG A 57 -23.10 -5.92 -15.62
C ARG A 57 -24.06 -5.67 -14.47
N VAL A 58 -24.00 -6.55 -13.48
CA VAL A 58 -24.91 -6.35 -12.37
C VAL A 58 -24.13 -6.06 -11.08
N GLN A 59 -24.43 -4.99 -10.38
CA GLN A 59 -23.81 -4.64 -9.11
C GLN A 59 -24.85 -4.85 -8.03
N HIS A 60 -24.80 -5.97 -7.29
CA HIS A 60 -25.85 -6.30 -6.34
C HIS A 60 -25.88 -5.42 -5.10
N ASN A 61 -24.71 -5.28 -4.49
CA ASN A 61 -24.58 -4.52 -3.26
C ASN A 61 -23.13 -4.05 -3.07
N TRP A 62 -22.91 -2.78 -2.71
CA TRP A 62 -21.56 -2.22 -2.49
C TRP A 62 -21.38 -1.59 -1.12
N ALA A 63 -22.20 -2.05 -0.18
CA ALA A 63 -22.12 -1.48 1.17
C ALA A 63 -20.74 -1.68 1.81
N ARG A 64 -20.17 -2.85 1.59
CA ARG A 64 -18.90 -3.13 2.22
C ARG A 64 -17.71 -2.74 1.40
N GLY A 65 -17.97 -2.27 0.18
CA GLY A 65 -16.88 -1.82 -0.67
C GLY A 65 -17.19 -2.05 -2.14
N PRO A 66 -16.20 -1.88 -3.02
CA PRO A 66 -16.45 -2.03 -4.43
C PRO A 66 -16.91 -3.43 -4.79
N THR A 67 -17.75 -3.51 -5.81
CA THR A 67 -18.25 -4.80 -6.22
C THR A 67 -17.17 -5.62 -6.92
N LYS A 68 -17.20 -6.94 -6.74
CA LYS A 68 -16.18 -7.82 -7.29
C LYS A 68 -16.86 -9.02 -7.91
N GLY A 69 -16.39 -9.46 -9.08
CA GLY A 69 -17.00 -10.67 -9.65
C GLY A 69 -16.78 -10.79 -11.16
N GLY A 70 -16.68 -12.05 -11.64
CA GLY A 70 -16.39 -12.43 -13.03
C GLY A 70 -17.40 -12.09 -14.13
N ILE A 71 -16.90 -12.29 -15.36
CA ILE A 71 -17.65 -12.13 -16.58
C ILE A 71 -17.74 -13.48 -17.30
N ARG A 72 -18.97 -13.93 -17.52
CA ARG A 72 -19.24 -15.16 -18.23
C ARG A 72 -19.58 -14.90 -19.67
N TRP A 73 -19.01 -15.70 -20.57
CA TRP A 73 -19.36 -15.59 -21.98
C TRP A 73 -20.07 -16.92 -22.28
N HIS A 74 -21.34 -16.88 -22.63
CA HIS A 74 -22.05 -18.11 -22.83
C HIS A 74 -23.39 -17.94 -23.53
N PRO A 75 -23.68 -18.84 -24.43
CA PRO A 75 -24.84 -18.80 -25.28
C PRO A 75 -26.19 -18.91 -24.63
N GLU A 76 -26.24 -19.47 -23.43
CA GLU A 76 -27.50 -19.52 -22.72
C GLU A 76 -27.55 -18.54 -21.56
N GLU A 77 -26.65 -17.59 -21.54
CA GLU A 77 -26.64 -16.63 -20.47
C GLU A 77 -27.94 -15.84 -20.37
N THR A 78 -28.38 -15.55 -19.15
CA THR A 78 -29.52 -14.69 -18.96
C THR A 78 -29.26 -13.73 -17.82
N LEU A 79 -30.05 -12.70 -17.80
CA LEU A 79 -29.92 -11.75 -16.75
C LEU A 79 -30.14 -12.32 -15.35
N SER A 80 -31.17 -13.15 -15.19
CA SER A 80 -31.50 -13.78 -13.89
C SER A 80 -30.34 -14.52 -13.23
N THR A 81 -29.63 -15.22 -14.11
CA THR A 81 -28.46 -15.94 -13.69
C THR A 81 -27.36 -15.01 -13.23
N VAL A 82 -27.15 -14.00 -14.06
CA VAL A 82 -26.14 -13.01 -13.72
C VAL A 82 -26.59 -12.34 -12.41
N LYS A 83 -27.86 -12.08 -12.30
CA LYS A 83 -28.29 -11.50 -11.04
C LYS A 83 -28.06 -12.43 -9.87
N ALA A 84 -28.42 -13.69 -10.05
CA ALA A 84 -28.26 -14.61 -8.93
C ALA A 84 -26.78 -14.71 -8.52
N LEU A 85 -25.91 -14.76 -9.50
CA LEU A 85 -24.49 -14.86 -9.23
C LEU A 85 -23.83 -13.65 -8.59
N ALA A 86 -24.37 -12.47 -8.84
CA ALA A 86 -23.83 -11.25 -8.26
C ALA A 86 -24.12 -11.27 -6.75
N ALA A 87 -25.34 -11.76 -6.43
CA ALA A 87 -25.74 -11.86 -5.03
C ALA A 87 -24.88 -12.87 -4.29
N TRP A 88 -24.62 -13.98 -4.95
CA TRP A 88 -23.73 -14.90 -4.33
C TRP A 88 -22.40 -14.25 -4.02
N MET A 89 -21.87 -13.43 -4.95
CA MET A 89 -20.60 -12.75 -4.65
C MET A 89 -20.71 -11.84 -3.44
N THR A 90 -21.90 -11.31 -3.24
CA THR A 90 -22.04 -10.45 -2.09
C THR A 90 -21.78 -11.27 -0.87
N TRP A 91 -22.32 -12.50 -0.83
CA TRP A 91 -22.10 -13.32 0.38
C TRP A 91 -20.66 -13.83 0.54
N LYS A 92 -20.09 -14.27 -0.58
CA LYS A 92 -18.73 -14.79 -0.53
C LYS A 92 -17.70 -13.75 -0.07
N THR A 93 -17.84 -12.54 -0.63
CA THR A 93 -16.89 -11.51 -0.23
C THR A 93 -17.05 -11.22 1.25
N ALA A 94 -18.29 -11.23 1.75
CA ALA A 94 -18.51 -10.93 3.16
C ALA A 94 -18.03 -11.98 4.15
N VAL A 95 -18.20 -13.21 3.74
CA VAL A 95 -17.74 -14.32 4.58
C VAL A 95 -16.22 -14.27 4.66
N MET A 96 -15.59 -13.87 3.55
CA MET A 96 -14.15 -13.82 3.64
C MET A 96 -13.74 -12.51 4.27
N ASP A 97 -14.69 -11.70 4.70
CA ASP A 97 -14.33 -10.42 5.26
C ASP A 97 -13.49 -9.53 4.35
N LEU A 98 -13.78 -9.44 3.07
CA LEU A 98 -13.05 -8.59 2.16
C LEU A 98 -13.78 -7.23 2.05
N PRO A 99 -13.08 -6.15 1.69
CA PRO A 99 -13.74 -4.86 1.58
C PRO A 99 -14.35 -4.69 0.20
N TYR A 100 -15.27 -5.59 -0.09
CA TYR A 100 -15.88 -5.65 -1.39
C TYR A 100 -17.33 -6.02 -1.27
N GLY A 101 -18.08 -5.76 -2.34
CA GLY A 101 -19.49 -6.12 -2.46
C GLY A 101 -19.56 -7.16 -3.57
N GLY A 102 -20.75 -7.50 -4.06
CA GLY A 102 -20.79 -8.51 -5.10
C GLY A 102 -21.27 -7.96 -6.43
N GLY A 103 -20.59 -8.39 -7.49
CA GLY A 103 -20.92 -8.00 -8.85
C GLY A 103 -20.78 -9.18 -9.79
N LYS A 104 -21.29 -9.09 -11.01
CA LYS A 104 -21.14 -10.17 -11.93
C LYS A 104 -21.49 -9.70 -13.33
N GLY A 105 -20.93 -10.30 -14.38
CA GLY A 105 -21.39 -9.83 -15.67
C GLY A 105 -21.50 -10.99 -16.63
N GLY A 106 -22.07 -10.73 -17.79
CA GLY A 106 -22.10 -11.81 -18.75
C GLY A 106 -22.38 -11.28 -20.14
N ILE A 107 -22.03 -12.05 -21.16
CA ILE A 107 -22.34 -11.71 -22.55
C ILE A 107 -23.03 -12.93 -23.14
N ILE A 108 -24.17 -12.74 -23.81
CA ILE A 108 -24.88 -13.82 -24.48
C ILE A 108 -24.27 -14.03 -25.85
N VAL A 109 -23.34 -14.97 -25.92
CA VAL A 109 -22.55 -15.30 -27.08
C VAL A 109 -21.99 -16.72 -26.98
N ASP A 110 -21.79 -17.31 -28.16
CA ASP A 110 -21.07 -18.57 -28.31
C ASP A 110 -19.69 -18.25 -28.83
N PRO A 111 -18.79 -18.29 -27.88
CA PRO A 111 -17.42 -17.92 -28.12
C PRO A 111 -16.73 -18.83 -29.09
N LYS A 112 -17.18 -20.06 -29.22
CA LYS A 112 -16.52 -20.97 -30.12
C LYS A 112 -16.64 -20.57 -31.58
N LYS A 113 -17.64 -19.75 -31.84
CA LYS A 113 -17.84 -19.26 -33.17
C LYS A 113 -17.07 -18.00 -33.47
N LEU A 114 -16.35 -17.47 -32.47
CA LEU A 114 -15.74 -16.19 -32.79
C LEU A 114 -14.28 -16.40 -33.01
N SER A 115 -13.73 -15.53 -33.87
CA SER A 115 -12.29 -15.57 -34.05
C SER A 115 -11.65 -14.79 -32.91
N ASP A 116 -10.32 -14.90 -32.79
CA ASP A 116 -9.67 -14.16 -31.75
C ASP A 116 -9.81 -12.68 -31.96
N ARG A 117 -9.79 -12.32 -33.23
CA ARG A 117 -9.94 -10.91 -33.54
C ARG A 117 -11.31 -10.44 -33.11
N GLU A 118 -12.27 -11.32 -33.33
CA GLU A 118 -13.62 -11.00 -32.98
C GLU A 118 -13.77 -11.10 -31.48
N LYS A 119 -13.08 -12.01 -30.85
CA LYS A 119 -13.22 -12.04 -29.43
C LYS A 119 -12.67 -10.76 -28.81
N GLU A 120 -11.56 -10.28 -29.35
CA GLU A 120 -10.90 -9.08 -28.84
C GLU A 120 -11.85 -7.88 -28.99
N ARG A 121 -12.51 -7.80 -30.14
CA ARG A 121 -13.42 -6.70 -30.40
C ARG A 121 -14.58 -6.70 -29.43
N LEU A 122 -15.04 -7.90 -29.10
CA LEU A 122 -16.18 -8.07 -28.23
C LEU A 122 -15.82 -7.58 -26.82
N ALA A 123 -14.61 -7.92 -26.44
CA ALA A 123 -14.07 -7.62 -25.13
C ALA A 123 -13.95 -6.12 -24.89
N ARG A 124 -13.28 -5.51 -25.86
CA ARG A 124 -13.14 -4.05 -25.85
C ARG A 124 -14.49 -3.40 -25.95
N GLY A 125 -15.37 -3.94 -26.81
CA GLY A 125 -16.70 -3.34 -26.88
C GLY A 125 -17.45 -3.39 -25.54
N TYR A 126 -17.22 -4.44 -24.76
CA TYR A 126 -17.93 -4.52 -23.48
C TYR A 126 -17.47 -3.40 -22.56
N ILE A 127 -16.16 -3.20 -22.53
CA ILE A 127 -15.71 -2.10 -21.69
C ILE A 127 -16.19 -0.71 -22.15
N ARG A 128 -16.21 -0.51 -23.47
CA ARG A 128 -16.64 0.77 -24.02
C ARG A 128 -18.09 1.05 -23.69
N ALA A 129 -18.83 -0.04 -23.54
CA ALA A 129 -20.23 0.09 -23.25
C ALA A 129 -20.45 0.31 -21.77
N ILE A 130 -19.61 -0.26 -20.91
CA ILE A 130 -19.91 -0.11 -19.49
C ILE A 130 -19.04 0.79 -18.66
N TYR A 131 -18.09 1.38 -19.36
CA TYR A 131 -17.11 2.27 -18.80
C TYR A 131 -17.58 3.10 -17.63
N ASP A 132 -18.74 3.72 -17.81
CA ASP A 132 -19.23 4.64 -16.80
C ASP A 132 -19.51 4.10 -15.40
N VAL A 133 -19.73 2.79 -15.27
CA VAL A 133 -20.09 2.22 -13.98
C VAL A 133 -18.99 1.36 -13.39
N ILE A 134 -17.78 1.39 -13.95
CA ILE A 134 -16.70 0.61 -13.39
C ILE A 134 -15.53 1.49 -12.99
N SER A 135 -14.67 1.04 -12.07
CA SER A 135 -13.54 1.84 -11.67
C SER A 135 -12.78 1.02 -10.66
N PRO A 136 -11.50 1.23 -10.53
CA PRO A 136 -10.76 0.44 -9.58
C PRO A 136 -11.33 0.58 -8.18
N TYR A 137 -12.20 1.57 -7.94
CA TYR A 137 -12.73 1.76 -6.60
C TYR A 137 -14.23 1.57 -6.61
N GLU A 138 -14.73 1.02 -7.71
CA GLU A 138 -16.15 0.91 -7.91
C GLU A 138 -16.62 -0.50 -8.22
N ASP A 139 -16.06 -1.05 -9.28
CA ASP A 139 -16.46 -2.36 -9.75
C ASP A 139 -15.32 -3.04 -10.51
N ILE A 140 -14.79 -4.19 -10.00
CA ILE A 140 -13.64 -4.93 -10.52
C ILE A 140 -13.94 -6.31 -11.07
N PRO A 141 -14.01 -6.46 -12.39
CA PRO A 141 -14.36 -7.78 -12.87
C PRO A 141 -13.18 -8.74 -12.81
N ALA A 142 -13.42 -9.90 -13.39
CA ALA A 142 -12.49 -11.00 -13.35
C ALA A 142 -12.97 -11.99 -14.36
N PRO A 143 -12.20 -13.04 -14.53
CA PRO A 143 -12.58 -14.10 -15.45
C PRO A 143 -13.64 -15.08 -14.87
N ASP A 144 -14.32 -15.81 -15.78
CA ASP A 144 -15.33 -16.80 -15.44
C ASP A 144 -15.54 -17.72 -16.63
N VAL A 145 -16.68 -18.35 -16.69
CA VAL A 145 -16.94 -19.25 -17.81
C VAL A 145 -16.61 -18.59 -19.12
N TYR A 146 -15.76 -19.31 -19.77
CA TYR A 146 -15.33 -18.94 -21.07
C TYR A 146 -14.57 -17.66 -21.19
N THR A 147 -14.14 -17.05 -20.12
CA THR A 147 -13.32 -15.89 -20.36
C THR A 147 -12.02 -16.22 -19.64
N ASN A 148 -10.93 -15.52 -19.90
CA ASN A 148 -9.63 -15.82 -19.32
C ASN A 148 -8.70 -14.58 -19.30
N PRO A 149 -7.47 -14.81 -18.85
CA PRO A 149 -6.50 -13.76 -18.73
C PRO A 149 -6.31 -12.98 -20.03
N GLN A 150 -6.41 -13.67 -21.15
CA GLN A 150 -6.25 -12.96 -22.39
C GLN A 150 -7.34 -11.95 -22.61
N ILE A 151 -8.51 -12.38 -22.23
CA ILE A 151 -9.66 -11.51 -22.31
C ILE A 151 -9.59 -10.40 -21.28
N MET A 152 -9.14 -10.72 -20.08
CA MET A 152 -8.99 -9.68 -19.08
C MET A 152 -8.01 -8.59 -19.59
N ALA A 153 -6.91 -9.04 -20.22
CA ALA A 153 -5.87 -8.11 -20.71
C ALA A 153 -6.39 -7.13 -21.76
N TRP A 154 -7.24 -7.65 -22.65
CA TRP A 154 -7.79 -6.78 -23.66
C TRP A 154 -8.71 -5.73 -23.03
N MET A 155 -9.50 -6.18 -22.04
CA MET A 155 -10.42 -5.32 -21.33
C MET A 155 -9.65 -4.28 -20.56
N MET A 156 -8.60 -4.69 -19.88
CA MET A 156 -7.83 -3.70 -19.15
C MET A 156 -7.25 -2.65 -20.11
N ASP A 157 -6.73 -3.09 -21.24
CA ASP A 157 -6.11 -2.17 -22.17
C ASP A 157 -7.08 -1.15 -22.70
N GLU A 158 -8.29 -1.64 -22.99
CA GLU A 158 -9.29 -0.69 -23.47
C GLU A 158 -9.61 0.30 -22.35
N TYR A 159 -9.79 -0.21 -21.13
CA TYR A 159 -10.04 0.67 -19.99
C TYR A 159 -8.91 1.70 -19.85
N GLU A 160 -7.66 1.29 -20.03
CA GLU A 160 -6.55 2.23 -19.85
C GLU A 160 -6.60 3.32 -20.89
N THR A 161 -7.03 2.91 -22.08
CA THR A 161 -7.17 3.89 -23.17
C THR A 161 -8.24 4.95 -22.93
N ILE A 162 -9.38 4.53 -22.42
CA ILE A 162 -10.40 5.49 -22.19
C ILE A 162 -10.13 6.34 -20.97
N SER A 163 -9.65 5.72 -19.88
CA SER A 163 -9.38 6.46 -18.67
C SER A 163 -8.16 7.36 -18.83
N ARG A 164 -7.37 7.25 -19.89
CA ARG A 164 -6.19 8.10 -20.05
C ARG A 164 -5.07 8.01 -19.00
N ARG A 165 -4.92 6.90 -18.27
CA ARG A 165 -3.81 6.69 -17.35
C ARG A 165 -3.84 7.65 -16.16
N LYS A 166 -5.08 8.08 -15.91
CA LYS A 166 -5.24 9.03 -14.82
C LYS A 166 -5.65 8.29 -13.57
N THR A 167 -5.76 6.98 -13.69
CA THR A 167 -6.20 6.18 -12.55
C THR A 167 -5.36 4.90 -12.56
N PRO A 168 -5.31 4.12 -11.49
CA PRO A 168 -4.47 2.92 -11.54
C PRO A 168 -5.20 1.85 -12.39
N ALA A 169 -5.00 1.89 -13.71
CA ALA A 169 -5.72 1.06 -14.64
C ALA A 169 -5.50 -0.44 -14.42
N PHE A 170 -4.30 -0.82 -13.95
CA PHE A 170 -4.12 -2.24 -13.79
C PHE A 170 -5.13 -2.75 -12.78
N GLY A 171 -5.56 -1.86 -11.87
CA GLY A 171 -6.48 -2.31 -10.85
C GLY A 171 -7.94 -2.41 -11.33
N ILE A 172 -8.26 -2.19 -12.59
CA ILE A 172 -9.68 -2.24 -12.96
C ILE A 172 -10.21 -3.66 -13.02
N ILE A 173 -9.34 -4.67 -13.07
CA ILE A 173 -9.85 -6.02 -13.27
C ILE A 173 -8.78 -7.00 -12.90
N THR A 174 -9.20 -8.21 -12.49
CA THR A 174 -8.26 -9.23 -12.02
C THR A 174 -8.17 -10.45 -12.91
N GLY A 175 -7.30 -11.40 -12.54
CA GLY A 175 -7.13 -12.53 -13.43
C GLY A 175 -6.27 -12.16 -14.64
N LYS A 176 -5.40 -11.19 -14.43
CA LYS A 176 -4.57 -10.71 -15.53
C LYS A 176 -3.29 -11.55 -15.68
N PRO A 177 -2.76 -11.51 -16.89
CA PRO A 177 -1.48 -12.12 -17.12
C PRO A 177 -0.45 -11.35 -16.31
N LEU A 178 0.52 -12.09 -15.89
CA LEU A 178 1.59 -11.50 -15.12
C LEU A 178 2.39 -10.42 -15.84
N SER A 179 2.48 -10.41 -17.18
CA SER A 179 3.25 -9.35 -17.80
C SER A 179 2.64 -7.98 -17.50
N ILE A 180 1.36 -7.95 -17.12
CA ILE A 180 0.74 -6.65 -16.88
C ILE A 180 -0.05 -6.62 -15.61
N GLY A 181 0.62 -6.92 -14.54
CA GLY A 181 -0.08 -6.82 -13.28
C GLY A 181 -0.77 -8.02 -12.66
N GLY A 182 -0.61 -9.21 -13.25
CA GLY A 182 -1.25 -10.39 -12.70
C GLY A 182 -0.54 -10.72 -11.40
N SER A 183 -1.14 -11.58 -10.58
CA SER A 183 -0.46 -11.93 -9.35
C SER A 183 0.04 -13.36 -9.36
N LEU A 184 1.09 -13.64 -8.64
CA LEU A 184 1.42 -15.06 -8.54
C LEU A 184 0.33 -15.73 -7.68
N GLY A 185 0.19 -17.05 -7.77
CA GLY A 185 -0.75 -17.85 -6.99
C GLY A 185 -2.11 -18.02 -7.59
N ARG A 186 -2.32 -17.35 -8.71
CA ARG A 186 -3.65 -17.41 -9.30
C ARG A 186 -4.05 -18.79 -9.76
N ILE A 187 -3.19 -19.52 -10.44
CA ILE A 187 -3.67 -20.82 -10.88
C ILE A 187 -4.06 -21.79 -9.80
N GLU A 188 -3.29 -21.86 -8.73
CA GLU A 188 -3.56 -22.76 -7.63
C GLU A 188 -4.47 -22.20 -6.56
N ALA A 189 -4.92 -20.94 -6.68
CA ALA A 189 -5.68 -20.29 -5.64
C ALA A 189 -6.78 -21.09 -4.99
N THR A 190 -7.70 -21.63 -5.76
CA THR A 190 -8.79 -22.35 -5.12
C THR A 190 -8.45 -23.56 -4.28
N ALA A 191 -7.61 -24.37 -4.90
CA ALA A 191 -7.16 -25.58 -4.29
C ALA A 191 -6.37 -25.20 -3.06
N ARG A 192 -5.49 -24.26 -3.26
CA ARG A 192 -4.69 -23.88 -2.12
C ARG A 192 -5.54 -23.36 -0.97
N GLY A 193 -6.53 -22.58 -1.31
CA GLY A 193 -7.38 -22.08 -0.27
C GLY A 193 -8.14 -23.23 0.37
N ALA A 194 -8.69 -24.16 -0.40
CA ALA A 194 -9.44 -25.27 0.20
C ALA A 194 -8.63 -26.15 1.13
N SER A 195 -7.36 -26.26 0.79
CA SER A 195 -6.44 -27.02 1.58
C SER A 195 -6.36 -26.48 3.00
N TYR A 196 -6.32 -25.17 3.16
CA TYR A 196 -6.27 -24.64 4.52
C TYR A 196 -7.55 -24.94 5.28
N THR A 197 -8.67 -24.97 4.58
CA THR A 197 -9.89 -25.21 5.36
C THR A 197 -9.94 -26.67 5.74
N ILE A 198 -9.38 -27.51 4.90
CA ILE A 198 -9.46 -28.90 5.24
C ILE A 198 -8.59 -29.12 6.44
N ARG A 199 -7.46 -28.46 6.36
CA ARG A 199 -6.60 -28.54 7.47
C ARG A 199 -7.26 -28.09 8.75
N GLU A 200 -8.07 -27.04 8.76
CA GLU A 200 -8.68 -26.65 10.02
C GLU A 200 -9.80 -27.55 10.50
N ALA A 201 -10.55 -28.14 9.56
CA ALA A 201 -11.63 -29.08 9.79
C ALA A 201 -11.06 -30.28 10.55
N ALA A 202 -9.99 -30.87 10.01
CA ALA A 202 -9.28 -31.96 10.66
C ALA A 202 -9.01 -31.58 12.10
N LYS A 203 -8.43 -30.42 12.33
CA LYS A 203 -8.13 -29.93 13.67
C LYS A 203 -9.33 -29.99 14.60
N VAL A 204 -10.43 -29.38 14.16
CA VAL A 204 -11.59 -29.27 15.02
C VAL A 204 -12.17 -30.61 15.29
N LEU A 205 -11.94 -31.40 14.28
CA LEU A 205 -12.45 -32.73 14.34
C LEU A 205 -11.65 -33.52 15.34
N GLY A 206 -10.51 -32.99 15.77
CA GLY A 206 -9.66 -33.74 16.68
C GLY A 206 -8.54 -34.55 16.01
N TRP A 207 -8.43 -34.65 14.67
CA TRP A 207 -7.35 -35.35 13.97
C TRP A 207 -5.98 -35.04 14.52
N ASP A 208 -5.23 -36.13 14.57
CA ASP A 208 -3.87 -36.19 15.05
C ASP A 208 -3.03 -35.43 14.02
N THR A 209 -3.31 -35.71 12.74
CA THR A 209 -2.75 -35.12 11.52
C THR A 209 -3.48 -35.60 10.30
N LEU A 210 -3.03 -35.09 9.14
CA LEU A 210 -3.67 -35.41 7.89
C LEU A 210 -2.85 -36.40 7.11
N LYS A 211 -1.59 -36.42 7.55
CA LYS A 211 -0.58 -37.30 7.01
C LYS A 211 -1.17 -38.68 7.07
N GLY A 212 -1.16 -39.29 5.93
CA GLY A 212 -1.71 -40.63 5.91
C GLY A 212 -3.19 -40.65 5.75
N LYS A 213 -3.88 -39.56 6.05
CA LYS A 213 -5.31 -39.68 5.81
C LYS A 213 -5.66 -39.81 4.32
N THR A 214 -6.89 -40.20 4.05
CA THR A 214 -7.32 -40.39 2.68
C THR A 214 -8.35 -39.40 2.16
N ILE A 215 -8.20 -39.14 0.87
CA ILE A 215 -9.09 -38.23 0.21
C ILE A 215 -9.41 -38.76 -1.17
N ALA A 216 -10.65 -38.54 -1.56
CA ALA A 216 -11.19 -38.87 -2.85
C ALA A 216 -11.62 -37.54 -3.42
N ILE A 217 -11.25 -37.28 -4.65
CA ILE A 217 -11.55 -36.04 -5.29
C ILE A 217 -12.39 -36.24 -6.53
N GLN A 218 -13.55 -35.64 -6.61
CA GLN A 218 -14.38 -35.79 -7.80
C GLN A 218 -14.23 -34.61 -8.74
N GLY A 219 -13.55 -34.87 -9.83
CA GLY A 219 -13.25 -33.86 -10.82
C GLY A 219 -11.73 -33.77 -10.93
N TYR A 220 -11.21 -33.61 -12.17
CA TYR A 220 -9.76 -33.52 -12.35
C TYR A 220 -9.33 -32.33 -13.19
N GLY A 221 -9.95 -31.20 -12.92
CA GLY A 221 -9.55 -29.97 -13.56
C GLY A 221 -8.44 -29.34 -12.71
N ASN A 222 -8.35 -28.03 -12.88
CA ASN A 222 -7.37 -27.27 -12.17
C ASN A 222 -7.51 -27.51 -10.68
N ALA A 223 -8.74 -27.24 -10.21
CA ALA A 223 -9.08 -27.40 -8.81
C ALA A 223 -8.78 -28.80 -8.36
N GLY A 224 -9.41 -29.72 -9.11
CA GLY A 224 -9.23 -31.14 -8.85
C GLY A 224 -7.76 -31.56 -8.77
N TYR A 225 -7.07 -31.19 -9.84
CA TYR A 225 -5.68 -31.55 -9.97
C TYR A 225 -4.83 -30.90 -8.93
N TYR A 226 -5.06 -29.61 -8.77
CA TYR A 226 -4.25 -28.94 -7.78
C TYR A 226 -4.52 -29.41 -6.37
N LEU A 227 -5.80 -29.67 -6.05
CA LEU A 227 -6.14 -30.15 -4.71
C LEU A 227 -5.41 -31.47 -4.44
N ALA A 228 -5.52 -32.34 -5.44
CA ALA A 228 -4.86 -33.64 -5.41
C ALA A 228 -3.38 -33.45 -5.12
N LYS A 229 -2.77 -32.58 -5.90
CA LYS A 229 -1.37 -32.33 -5.67
C LYS A 229 -1.00 -31.70 -4.34
N ILE A 230 -1.81 -30.76 -3.86
CA ILE A 230 -1.39 -30.14 -2.61
C ILE A 230 -1.51 -31.03 -1.38
N MET A 231 -2.66 -31.72 -1.39
CA MET A 231 -3.07 -32.59 -0.28
C MET A 231 -2.02 -33.67 -0.12
N SER A 232 -1.53 -34.11 -1.27
CA SER A 232 -0.51 -35.15 -1.38
C SER A 232 0.85 -34.69 -0.96
N GLU A 233 1.41 -33.74 -1.70
CA GLU A 233 2.74 -33.32 -1.35
C GLU A 233 2.77 -32.42 -0.16
N ASP A 234 1.70 -31.68 0.07
CA ASP A 234 1.96 -30.83 1.20
C ASP A 234 1.39 -31.39 2.48
N PHE A 235 0.35 -32.19 2.30
CA PHE A 235 -0.32 -32.75 3.46
C PHE A 235 0.09 -34.11 3.97
N GLY A 236 0.48 -34.99 3.05
CA GLY A 236 0.90 -36.34 3.37
C GLY A 236 -0.29 -37.25 3.26
N MET A 237 -1.32 -36.68 2.67
CA MET A 237 -2.51 -37.45 2.52
C MET A 237 -2.29 -38.39 1.37
N LYS A 238 -3.23 -39.30 1.25
CA LYS A 238 -3.24 -40.31 0.24
C LYS A 238 -4.40 -40.09 -0.68
N VAL A 239 -4.11 -39.89 -1.96
CA VAL A 239 -5.24 -39.67 -2.82
C VAL A 239 -5.61 -40.98 -3.43
N VAL A 240 -6.56 -41.63 -2.83
CA VAL A 240 -6.88 -42.93 -3.31
C VAL A 240 -7.79 -42.96 -4.49
N ALA A 241 -8.38 -41.82 -4.82
CA ALA A 241 -9.28 -41.89 -5.94
C ALA A 241 -9.48 -40.51 -6.53
N VAL A 242 -9.74 -40.46 -7.82
CA VAL A 242 -10.00 -39.26 -8.59
C VAL A 242 -10.93 -39.63 -9.73
N SER A 243 -11.58 -38.65 -10.26
CA SER A 243 -12.47 -39.01 -11.32
C SER A 243 -12.56 -37.87 -12.29
N ASP A 244 -13.08 -38.16 -13.47
CA ASP A 244 -13.28 -37.14 -14.44
C ASP A 244 -14.64 -37.38 -15.03
N SER A 245 -15.08 -36.60 -16.01
CA SER A 245 -16.44 -36.78 -16.53
C SER A 245 -16.62 -38.17 -17.10
N LYS A 246 -15.48 -38.82 -17.34
CA LYS A 246 -15.53 -40.14 -17.88
C LYS A 246 -15.74 -41.11 -16.75
N GLY A 247 -14.73 -41.19 -15.92
CA GLY A 247 -14.87 -42.03 -14.75
C GLY A 247 -13.80 -41.73 -13.72
N GLY A 248 -13.89 -42.50 -12.66
CA GLY A 248 -12.93 -42.42 -11.59
C GLY A 248 -11.99 -43.58 -11.71
N ILE A 249 -11.12 -43.67 -10.70
CA ILE A 249 -10.08 -44.66 -10.62
C ILE A 249 -9.67 -44.80 -9.18
N TYR A 250 -9.38 -46.04 -8.79
CA TYR A 250 -9.05 -46.34 -7.41
C TYR A 250 -7.73 -46.98 -7.07
N ASN A 251 -7.24 -46.62 -5.91
CA ASN A 251 -5.99 -47.20 -5.51
C ASN A 251 -5.56 -46.63 -4.19
N PRO A 252 -5.75 -47.55 -3.28
CA PRO A 252 -5.58 -47.50 -1.84
C PRO A 252 -4.18 -47.23 -1.36
N ASP A 253 -3.25 -47.35 -2.31
CA ASP A 253 -1.86 -47.07 -1.97
C ASP A 253 -1.57 -45.63 -2.26
N GLY A 254 -2.61 -45.05 -2.89
CA GLY A 254 -2.74 -43.66 -3.25
C GLY A 254 -2.15 -43.32 -4.58
N LEU A 255 -2.86 -42.48 -5.32
CA LEU A 255 -2.47 -41.98 -6.63
C LEU A 255 -1.45 -40.84 -6.55
N ASN A 256 -0.77 -40.64 -7.69
CA ASN A 256 0.21 -39.60 -7.93
C ASN A 256 -0.45 -38.58 -8.87
N ALA A 257 -0.61 -37.36 -8.34
CA ALA A 257 -1.30 -36.28 -9.02
C ALA A 257 -0.86 -36.05 -10.46
N ASP A 258 0.45 -35.81 -10.59
CA ASP A 258 1.04 -35.49 -11.89
C ASP A 258 0.92 -36.55 -12.98
N GLU A 259 1.26 -37.76 -12.55
CA GLU A 259 1.14 -38.93 -13.37
C GLU A 259 -0.28 -39.09 -13.80
N VAL A 260 -1.20 -39.06 -12.81
CA VAL A 260 -2.59 -39.18 -13.20
C VAL A 260 -2.89 -38.11 -14.24
N LEU A 261 -2.25 -36.98 -13.97
CA LEU A 261 -2.45 -35.84 -14.82
C LEU A 261 -2.02 -36.12 -16.25
N LYS A 262 -0.76 -36.49 -16.46
CA LYS A 262 -0.33 -36.81 -17.81
C LYS A 262 -1.23 -37.83 -18.48
N TRP A 263 -1.50 -38.89 -17.73
CA TRP A 263 -2.36 -39.96 -18.21
C TRP A 263 -3.57 -39.36 -18.87
N LYS A 264 -4.19 -38.50 -18.08
CA LYS A 264 -5.38 -37.79 -18.50
C LYS A 264 -5.05 -37.08 -19.80
N ASN A 265 -3.87 -36.50 -19.82
CA ASN A 265 -3.43 -35.77 -21.00
C ASN A 265 -3.43 -36.69 -22.22
N GLU A 266 -2.65 -37.73 -22.12
CA GLU A 266 -2.55 -38.70 -23.19
C GLU A 266 -3.88 -39.35 -23.61
N HIS A 267 -4.64 -39.92 -22.67
CA HIS A 267 -5.87 -40.65 -23.00
C HIS A 267 -7.17 -39.96 -23.04
N GLY A 268 -7.21 -38.82 -22.39
CA GLY A 268 -8.42 -38.01 -22.31
C GLY A 268 -9.34 -38.34 -21.15
N SER A 269 -8.94 -39.31 -20.32
CA SER A 269 -9.70 -39.69 -19.16
C SER A 269 -8.70 -40.18 -18.16
N VAL A 270 -9.10 -40.13 -16.91
CA VAL A 270 -8.28 -40.59 -15.80
C VAL A 270 -8.43 -42.10 -15.85
N LYS A 271 -9.44 -42.39 -16.62
CA LYS A 271 -9.90 -43.72 -16.89
C LYS A 271 -8.82 -44.62 -17.47
N ASP A 272 -8.59 -45.75 -16.79
CA ASP A 272 -7.67 -46.78 -17.23
C ASP A 272 -6.26 -46.60 -16.69
N PHE A 273 -6.08 -45.46 -16.08
CA PHE A 273 -4.75 -45.33 -15.54
C PHE A 273 -4.28 -46.68 -15.02
N PRO A 274 -3.03 -46.92 -15.33
CA PRO A 274 -2.39 -48.17 -15.00
C PRO A 274 -2.10 -48.35 -13.54
N GLY A 275 -2.49 -49.52 -13.05
CA GLY A 275 -2.23 -49.88 -11.67
C GLY A 275 -3.39 -49.48 -10.76
N ALA A 276 -4.51 -49.12 -11.40
CA ALA A 276 -5.70 -48.73 -10.69
C ALA A 276 -7.02 -49.24 -11.25
N THR A 277 -7.92 -49.46 -10.30
CA THR A 277 -9.24 -49.96 -10.59
C THR A 277 -10.21 -48.91 -11.06
N ASN A 278 -10.90 -49.17 -12.15
CA ASN A 278 -11.88 -48.21 -12.62
C ASN A 278 -13.16 -48.20 -11.80
N ILE A 279 -13.71 -47.01 -11.54
CA ILE A 279 -14.95 -46.83 -10.81
C ILE A 279 -15.87 -45.84 -11.48
N THR A 280 -17.13 -45.73 -10.99
CA THR A 280 -18.07 -44.75 -11.52
C THR A 280 -18.02 -43.50 -10.66
N ASN A 281 -18.73 -42.46 -11.05
CA ASN A 281 -18.65 -41.30 -10.18
C ASN A 281 -19.36 -41.58 -8.85
N GLU A 282 -20.55 -42.19 -8.99
CA GLU A 282 -21.44 -42.64 -7.92
C GLU A 282 -20.66 -43.34 -6.83
N GLU A 283 -19.95 -44.33 -7.31
CA GLU A 283 -19.09 -45.16 -6.51
C GLU A 283 -18.07 -44.31 -5.78
N LEU A 284 -17.49 -43.36 -6.51
CA LEU A 284 -16.47 -42.51 -5.94
C LEU A 284 -16.95 -41.76 -4.70
N LEU A 285 -18.16 -41.22 -4.79
CA LEU A 285 -18.78 -40.45 -3.74
C LEU A 285 -19.00 -41.27 -2.48
N GLU A 286 -19.23 -42.54 -2.68
CA GLU A 286 -19.50 -43.43 -1.56
C GLU A 286 -18.29 -44.09 -0.88
N LEU A 287 -17.11 -43.84 -1.40
CA LEU A 287 -15.94 -44.42 -0.77
C LEU A 287 -15.84 -44.12 0.71
N GLU A 288 -15.19 -45.05 1.33
CA GLU A 288 -14.98 -44.86 2.73
C GLU A 288 -13.66 -44.12 2.87
N VAL A 289 -13.71 -42.77 2.90
CA VAL A 289 -12.53 -41.91 3.02
C VAL A 289 -12.68 -40.91 4.14
N ASP A 290 -11.53 -40.40 4.56
CA ASP A 290 -11.55 -39.37 5.57
C ASP A 290 -12.15 -38.07 5.05
N VAL A 291 -11.80 -37.78 3.80
CA VAL A 291 -12.19 -36.57 3.10
C VAL A 291 -12.71 -36.75 1.69
N LEU A 292 -13.93 -36.32 1.45
CA LEU A 292 -14.50 -36.38 0.11
C LEU A 292 -14.44 -34.95 -0.45
N ALA A 293 -13.80 -34.65 -1.57
CA ALA A 293 -13.79 -33.28 -2.09
C ALA A 293 -14.42 -33.22 -3.47
N PRO A 294 -15.71 -33.01 -3.57
CA PRO A 294 -16.44 -32.87 -4.82
C PRO A 294 -16.01 -31.60 -5.55
N ALA A 295 -15.28 -31.70 -6.66
CA ALA A 295 -14.70 -30.54 -7.34
C ALA A 295 -15.11 -30.32 -8.80
N ALA A 296 -16.25 -30.89 -9.18
CA ALA A 296 -16.69 -30.82 -10.55
C ALA A 296 -18.00 -30.09 -10.71
N ILE A 297 -19.09 -30.85 -10.67
CA ILE A 297 -20.36 -30.17 -10.81
C ILE A 297 -21.22 -30.26 -9.57
N GLU A 298 -22.32 -29.52 -9.62
CA GLU A 298 -23.29 -29.51 -8.57
C GLU A 298 -24.17 -30.73 -8.61
N GLU A 299 -24.94 -30.80 -7.54
CA GLU A 299 -25.93 -31.79 -7.27
C GLU A 299 -25.48 -33.19 -7.53
N VAL A 300 -24.39 -33.45 -6.86
CA VAL A 300 -23.86 -34.77 -6.92
C VAL A 300 -24.24 -35.50 -5.64
N ILE A 301 -24.42 -34.77 -4.54
CA ILE A 301 -24.81 -35.28 -3.21
C ILE A 301 -26.26 -34.87 -2.92
N THR A 302 -27.15 -35.87 -3.00
CA THR A 302 -28.58 -35.67 -2.84
C THR A 302 -29.26 -36.63 -1.91
N LYS A 303 -30.56 -36.33 -1.92
CA LYS A 303 -31.61 -37.03 -1.22
C LYS A 303 -31.34 -38.52 -1.29
N LYS A 304 -31.09 -38.90 -2.52
CA LYS A 304 -30.77 -40.26 -2.85
C LYS A 304 -29.55 -40.77 -2.12
N ASN A 305 -28.38 -40.45 -2.62
CA ASN A 305 -27.18 -41.00 -2.01
C ASN A 305 -26.67 -40.40 -0.72
N ALA A 306 -27.33 -39.35 -0.27
CA ALA A 306 -26.81 -38.70 0.91
C ALA A 306 -26.57 -39.73 1.97
N ASP A 307 -27.52 -40.65 2.09
CA ASP A 307 -27.35 -41.61 3.13
C ASP A 307 -26.10 -42.48 3.03
N ASN A 308 -25.58 -42.59 1.84
CA ASN A 308 -24.43 -43.44 1.67
C ASN A 308 -23.11 -42.73 1.72
N ILE A 309 -23.09 -41.48 2.14
CA ILE A 309 -21.78 -40.90 2.09
C ILE A 309 -20.99 -41.42 3.26
N LYS A 310 -19.69 -41.65 3.14
CA LYS A 310 -18.95 -42.18 4.27
C LYS A 310 -17.77 -41.35 4.72
N ALA A 311 -17.55 -40.23 4.08
CA ALA A 311 -16.46 -39.37 4.48
C ALA A 311 -16.76 -38.67 5.82
N LYS A 312 -15.68 -38.22 6.45
CA LYS A 312 -15.85 -37.49 7.69
C LYS A 312 -16.03 -36.03 7.42
N ILE A 313 -15.33 -35.60 6.39
CA ILE A 313 -15.34 -34.25 5.90
C ILE A 313 -15.72 -34.20 4.40
N VAL A 314 -16.72 -33.36 4.08
CA VAL A 314 -17.12 -33.02 2.71
C VAL A 314 -16.65 -31.56 2.45
N ALA A 315 -15.58 -31.40 1.66
CA ALA A 315 -14.96 -30.13 1.24
C ALA A 315 -15.60 -29.70 -0.08
N GLU A 316 -16.57 -28.78 -0.04
CA GLU A 316 -17.19 -28.40 -1.29
C GLU A 316 -16.33 -27.38 -2.05
N VAL A 317 -15.65 -27.93 -3.06
CA VAL A 317 -14.76 -27.19 -3.93
C VAL A 317 -15.49 -26.62 -5.11
N ALA A 318 -16.34 -27.46 -5.67
CA ALA A 318 -17.23 -27.13 -6.76
C ALA A 318 -18.36 -26.28 -6.21
N ASN A 319 -19.22 -25.74 -7.04
CA ASN A 319 -20.34 -24.99 -6.46
C ASN A 319 -21.61 -25.84 -6.47
N GLY A 320 -22.38 -25.79 -5.36
CA GLY A 320 -23.64 -26.53 -5.28
C GLY A 320 -23.63 -28.06 -5.36
N PRO A 321 -22.51 -28.72 -5.04
CA PRO A 321 -22.41 -30.16 -5.06
C PRO A 321 -23.45 -30.84 -4.18
N VAL A 322 -23.56 -30.41 -2.93
CA VAL A 322 -24.53 -30.98 -1.99
C VAL A 322 -25.87 -30.30 -2.00
N THR A 323 -26.98 -31.02 -2.15
CA THR A 323 -28.27 -30.34 -2.09
C THR A 323 -28.71 -30.18 -0.66
N PRO A 324 -29.75 -29.38 -0.58
CA PRO A 324 -30.38 -29.00 0.66
C PRO A 324 -30.91 -30.11 1.54
N GLU A 325 -31.48 -31.15 0.95
CA GLU A 325 -31.98 -32.19 1.83
C GLU A 325 -30.80 -33.03 2.24
N ALA A 326 -29.84 -33.10 1.31
CA ALA A 326 -28.65 -33.87 1.63
C ALA A 326 -27.94 -33.26 2.83
N ASP A 327 -28.08 -31.94 2.95
CA ASP A 327 -27.40 -31.23 4.02
C ASP A 327 -27.83 -31.69 5.38
N GLU A 328 -29.15 -31.80 5.44
CA GLU A 328 -29.81 -32.23 6.65
C GLU A 328 -29.36 -33.63 7.02
N ILE A 329 -29.45 -34.55 6.07
CA ILE A 329 -28.93 -35.87 6.38
C ILE A 329 -27.50 -35.85 6.88
N LEU A 330 -26.65 -35.13 6.14
CA LEU A 330 -25.24 -35.12 6.48
C LEU A 330 -24.94 -34.56 7.83
N PHE A 331 -25.68 -33.51 8.17
CA PHE A 331 -25.45 -32.93 9.47
C PHE A 331 -25.69 -33.94 10.63
N GLU A 332 -26.87 -34.57 10.52
CA GLU A 332 -27.49 -35.59 11.37
C GLU A 332 -26.60 -36.80 11.48
N LYS A 333 -25.83 -36.99 10.41
CA LYS A 333 -24.84 -38.03 10.37
C LYS A 333 -23.56 -37.61 11.03
N GLY A 334 -23.42 -36.35 11.45
CA GLY A 334 -22.15 -36.06 12.07
C GLY A 334 -21.03 -35.83 11.05
N ILE A 335 -21.40 -35.69 9.76
CA ILE A 335 -20.39 -35.30 8.76
C ILE A 335 -20.31 -33.76 8.68
N LEU A 336 -19.10 -33.24 8.85
CA LEU A 336 -18.76 -31.82 8.78
C LEU A 336 -18.61 -31.39 7.33
N GLN A 337 -19.43 -30.48 6.87
CA GLN A 337 -19.28 -29.96 5.52
C GLN A 337 -18.58 -28.59 5.56
N ILE A 338 -17.69 -28.36 4.59
CA ILE A 338 -17.06 -27.07 4.41
C ILE A 338 -17.76 -26.52 3.18
N PRO A 339 -18.73 -25.65 3.43
CA PRO A 339 -19.56 -25.12 2.40
C PRO A 339 -18.82 -24.39 1.28
N ASP A 340 -19.35 -24.62 0.09
CA ASP A 340 -18.88 -24.12 -1.17
C ASP A 340 -18.27 -22.72 -1.13
N PHE A 341 -19.13 -21.75 -0.81
CA PHE A 341 -18.73 -20.37 -0.84
C PHE A 341 -17.70 -19.99 0.15
N LEU A 342 -17.45 -20.89 1.08
CA LEU A 342 -16.39 -20.65 2.02
C LEU A 342 -15.22 -21.48 1.50
N CYS A 343 -15.51 -22.76 1.22
CA CYS A 343 -14.47 -23.66 0.78
C CYS A 343 -13.70 -23.20 -0.45
N ASN A 344 -14.42 -22.80 -1.49
CA ASN A 344 -13.66 -22.47 -2.67
C ASN A 344 -13.34 -21.00 -2.82
N ALA A 345 -13.38 -20.25 -1.73
CA ALA A 345 -13.14 -18.82 -1.78
C ALA A 345 -11.68 -18.45 -1.98
N GLY A 346 -10.78 -19.39 -2.16
CA GLY A 346 -9.39 -18.97 -2.33
C GLY A 346 -9.16 -18.14 -3.60
N GLY A 347 -9.98 -18.36 -4.64
CA GLY A 347 -9.86 -17.59 -5.89
C GLY A 347 -10.19 -16.11 -5.75
N VAL A 348 -11.34 -15.80 -5.13
CA VAL A 348 -11.66 -14.40 -4.93
C VAL A 348 -10.65 -13.69 -4.02
N THR A 349 -10.13 -14.45 -3.07
CA THR A 349 -9.17 -13.87 -2.14
C THR A 349 -7.86 -13.49 -2.84
N VAL A 350 -7.38 -14.35 -3.69
CA VAL A 350 -6.16 -14.03 -4.38
C VAL A 350 -6.49 -12.95 -5.38
N SER A 351 -7.73 -12.98 -5.85
CA SER A 351 -8.08 -11.91 -6.76
C SER A 351 -8.05 -10.60 -5.99
N TYR A 352 -8.46 -10.64 -4.75
CA TYR A 352 -8.34 -9.45 -3.95
C TYR A 352 -6.86 -9.02 -3.72
N PHE A 353 -6.01 -10.00 -3.45
CA PHE A 353 -4.63 -9.62 -3.32
C PHE A 353 -4.06 -9.02 -4.60
N GLU A 354 -4.59 -9.43 -5.76
CA GLU A 354 -4.12 -8.88 -7.05
C GLU A 354 -4.36 -7.37 -7.14
N TRP A 355 -5.62 -6.98 -6.81
CA TRP A 355 -6.02 -5.59 -6.77
C TRP A 355 -5.17 -4.74 -5.80
N VAL A 356 -4.90 -5.28 -4.63
CA VAL A 356 -4.03 -4.58 -3.66
C VAL A 356 -2.68 -4.33 -4.31
N GLN A 357 -2.11 -5.41 -4.88
CA GLN A 357 -0.84 -5.18 -5.53
C GLN A 357 -0.97 -4.18 -6.65
N ASN A 358 -2.03 -4.20 -7.43
CA ASN A 358 -2.16 -3.25 -8.53
C ASN A 358 -2.32 -1.83 -8.03
N ILE A 359 -3.06 -1.63 -6.95
CA ILE A 359 -3.31 -0.27 -6.49
C ILE A 359 -2.18 0.29 -5.67
N THR A 360 -1.44 -0.60 -5.07
CA THR A 360 -0.27 -0.10 -4.32
C THR A 360 1.01 -0.05 -5.16
N GLY A 361 0.98 -0.72 -6.31
CA GLY A 361 2.09 -0.79 -7.24
C GLY A 361 3.21 -1.70 -6.73
N TYR A 362 2.97 -2.43 -5.65
CA TYR A 362 3.98 -3.28 -5.07
C TYR A 362 3.54 -4.72 -5.19
N TYR A 363 4.37 -5.53 -5.83
CA TYR A 363 4.00 -6.91 -6.08
C TYR A 363 4.52 -7.94 -5.11
N TRP A 364 3.81 -9.03 -4.91
CA TRP A 364 4.26 -10.03 -3.95
C TRP A 364 4.83 -11.31 -4.55
N THR A 365 5.49 -12.05 -3.63
CA THR A 365 6.04 -13.37 -3.88
C THR A 365 4.99 -14.43 -3.70
N ILE A 366 5.26 -15.59 -4.25
CA ILE A 366 4.30 -16.66 -4.08
C ILE A 366 4.19 -17.03 -2.61
N GLU A 367 5.29 -16.90 -1.93
CA GLU A 367 5.19 -17.20 -0.52
C GLU A 367 4.35 -16.21 0.23
N GLU A 368 4.51 -14.93 -0.07
CA GLU A 368 3.68 -13.98 0.65
C GLU A 368 2.19 -14.18 0.35
N VAL A 369 1.94 -14.49 -0.91
CA VAL A 369 0.59 -14.74 -1.32
C VAL A 369 -0.03 -15.90 -0.52
N ARG A 370 0.69 -17.01 -0.47
CA ARG A 370 0.20 -18.18 0.26
C ARG A 370 0.02 -17.99 1.74
N GLU A 371 0.97 -17.28 2.32
CA GLU A 371 0.87 -17.01 3.72
C GLU A 371 -0.33 -16.12 4.06
N ARG A 372 -0.51 -15.06 3.28
CA ARG A 372 -1.66 -14.21 3.52
C ARG A 372 -2.97 -14.93 3.23
N LEU A 373 -2.95 -15.84 2.27
CA LEU A 373 -4.16 -16.58 1.97
C LEU A 373 -4.48 -17.53 3.12
N ASP A 374 -3.41 -18.04 3.69
CA ASP A 374 -3.63 -18.93 4.79
C ASP A 374 -4.30 -18.17 5.93
N LYS A 375 -3.73 -17.04 6.24
CA LYS A 375 -4.35 -16.29 7.32
C LYS A 375 -5.82 -15.96 7.08
N LYS A 376 -6.16 -15.58 5.86
CA LYS A 376 -7.53 -15.20 5.55
C LYS A 376 -8.49 -16.39 5.61
N MET A 377 -8.10 -17.53 5.01
CA MET A 377 -8.96 -18.68 5.01
C MET A 377 -9.21 -19.23 6.40
N THR A 378 -8.16 -19.28 7.23
CA THR A 378 -8.25 -19.78 8.59
C THR A 378 -9.26 -19.00 9.41
N LYS A 379 -9.05 -17.68 9.43
CA LYS A 379 -9.98 -16.78 10.08
C LYS A 379 -11.43 -17.01 9.60
N ALA A 380 -11.64 -16.98 8.28
CA ALA A 380 -12.97 -17.16 7.77
C ALA A 380 -13.59 -18.47 8.29
N PHE A 381 -12.79 -19.53 8.22
CA PHE A 381 -13.17 -20.86 8.66
C PHE A 381 -13.73 -20.81 10.09
N TYR A 382 -12.95 -20.17 10.96
CA TYR A 382 -13.38 -20.02 12.32
C TYR A 382 -14.59 -19.15 12.47
N ASP A 383 -14.66 -18.05 11.73
CA ASP A 383 -15.81 -17.18 11.89
C ASP A 383 -17.08 -17.98 11.75
N VAL A 384 -17.06 -18.85 10.76
CA VAL A 384 -18.20 -19.70 10.47
C VAL A 384 -18.35 -20.80 11.51
N TYR A 385 -17.24 -21.52 11.75
CA TYR A 385 -17.32 -22.66 12.63
C TYR A 385 -17.97 -22.29 13.94
N ASN A 386 -17.48 -21.16 14.40
CA ASN A 386 -17.88 -20.63 15.69
C ASN A 386 -19.34 -20.33 15.87
N ILE A 387 -19.93 -19.90 14.80
CA ILE A 387 -21.32 -19.56 14.92
C ILE A 387 -22.13 -20.82 14.86
N ALA A 388 -21.62 -21.70 14.01
CA ALA A 388 -22.32 -22.93 13.68
C ALA A 388 -22.53 -23.72 14.96
N LYS A 389 -21.44 -23.76 15.72
CA LYS A 389 -21.27 -24.42 17.00
C LYS A 389 -22.06 -23.71 18.05
N GLU A 390 -21.88 -22.40 18.03
CA GLU A 390 -22.61 -21.55 18.95
C GLU A 390 -24.12 -21.66 18.73
N LYS A 391 -24.61 -21.70 17.51
CA LYS A 391 -26.05 -21.76 17.42
C LYS A 391 -26.55 -23.17 17.13
N ASN A 392 -25.60 -24.11 17.10
CA ASN A 392 -25.87 -25.51 16.79
C ASN A 392 -26.50 -25.58 15.43
N ILE A 393 -25.83 -25.03 14.42
CA ILE A 393 -26.48 -25.13 13.13
C ILE A 393 -25.48 -25.63 12.12
N HIS A 394 -26.04 -25.95 10.96
CA HIS A 394 -25.28 -26.42 9.83
C HIS A 394 -24.32 -25.33 9.40
N MET A 395 -23.11 -25.73 9.03
CA MET A 395 -22.08 -24.82 8.59
C MET A 395 -22.55 -23.90 7.46
N ARG A 396 -23.40 -24.38 6.58
CA ARG A 396 -23.80 -23.50 5.52
C ARG A 396 -24.70 -22.43 6.06
N ASP A 397 -25.57 -22.81 6.96
CA ASP A 397 -26.45 -21.80 7.51
C ASP A 397 -25.63 -20.80 8.29
N ALA A 398 -24.64 -21.35 8.93
CA ALA A 398 -23.79 -20.49 9.69
C ALA A 398 -23.05 -19.54 8.75
N ALA A 399 -22.68 -19.96 7.55
CA ALA A 399 -21.95 -19.12 6.61
C ALA A 399 -22.80 -17.94 6.13
N TYR A 400 -24.08 -18.19 5.82
CA TYR A 400 -24.99 -17.11 5.49
C TYR A 400 -25.14 -16.12 6.65
N VAL A 401 -25.28 -16.65 7.86
CA VAL A 401 -25.44 -15.75 8.96
C VAL A 401 -24.27 -14.78 9.04
N VAL A 402 -23.06 -15.27 8.99
CA VAL A 402 -21.91 -14.38 9.07
C VAL A 402 -21.87 -13.37 7.94
N ALA A 403 -22.16 -13.83 6.74
CA ALA A 403 -22.14 -12.99 5.57
C ALA A 403 -23.21 -11.91 5.66
N VAL A 404 -24.46 -12.32 5.84
CA VAL A 404 -25.58 -11.40 5.88
C VAL A 404 -25.46 -10.36 6.97
N GLN A 405 -25.07 -10.84 8.12
CA GLN A 405 -24.90 -9.90 9.21
C GLN A 405 -23.86 -8.80 8.85
N ARG A 406 -22.73 -9.15 8.26
CA ARG A 406 -21.77 -8.11 7.91
C ARG A 406 -22.31 -7.16 6.85
N VAL A 407 -22.99 -7.65 5.82
CA VAL A 407 -23.55 -6.74 4.83
C VAL A 407 -24.60 -5.89 5.52
N TYR A 408 -25.45 -6.50 6.29
CA TYR A 408 -26.46 -5.72 7.00
C TYR A 408 -25.91 -4.60 7.90
N GLN A 409 -24.91 -4.93 8.68
CA GLN A 409 -24.34 -3.92 9.53
C GLN A 409 -23.74 -2.76 8.74
N ALA A 410 -23.11 -3.03 7.62
CA ALA A 410 -22.58 -1.95 6.80
C ALA A 410 -23.75 -1.12 6.24
N MET A 411 -24.86 -1.73 5.88
CA MET A 411 -25.97 -0.94 5.35
C MET A 411 -26.57 -0.06 6.43
N LEU A 412 -26.57 -0.57 7.64
CA LEU A 412 -27.10 0.23 8.73
C LEU A 412 -26.16 1.37 9.06
N ASP A 413 -24.86 1.10 9.16
CA ASP A 413 -23.97 2.21 9.49
C ASP A 413 -24.03 3.34 8.46
N ARG A 414 -24.21 2.99 7.18
CA ARG A 414 -24.31 3.99 6.15
C ARG A 414 -25.63 4.73 6.20
N GLY A 415 -26.65 4.14 6.83
CA GLY A 415 -27.97 4.78 6.83
C GLY A 415 -28.82 4.35 5.62
N TRP A 416 -28.44 3.29 4.88
CA TRP A 416 -29.20 2.79 3.72
C TRP A 416 -30.57 2.27 4.14
N VAL A 417 -30.54 1.66 5.33
CA VAL A 417 -31.72 1.21 6.03
C VAL A 417 -31.69 1.83 7.41
N LYS A 418 -32.86 2.09 7.96
CA LYS A 418 -32.89 2.69 9.27
C LYS A 418 -33.06 1.63 10.34
N HIS A 419 -33.46 0.42 9.99
CA HIS A 419 -33.63 -0.54 11.07
C HIS A 419 -33.05 -1.90 10.69
N ALA B 3 19.51 11.33 -34.67
CA ALA B 3 19.08 9.97 -34.42
C ALA B 3 20.29 9.13 -34.07
N ASP B 4 21.46 9.61 -34.54
CA ASP B 4 22.73 8.96 -34.31
C ASP B 4 22.68 8.18 -32.99
N PRO B 5 22.41 8.95 -31.92
CA PRO B 5 22.19 8.41 -30.59
C PRO B 5 20.95 7.53 -30.72
N TYR B 6 19.89 8.10 -31.30
CA TYR B 6 18.74 7.27 -31.50
C TYR B 6 19.10 6.05 -32.35
N GLU B 7 19.93 6.17 -33.38
CA GLU B 7 20.30 5.04 -34.22
C GLU B 7 20.98 4.02 -33.39
N ILE B 8 21.83 4.52 -32.56
CA ILE B 8 22.43 3.44 -31.83
C ILE B 8 21.41 2.52 -31.12
N VAL B 9 20.18 2.96 -30.92
CA VAL B 9 19.23 2.11 -30.21
C VAL B 9 18.66 1.04 -31.10
N ILE B 10 18.36 1.48 -32.28
CA ILE B 10 17.87 0.44 -33.12
C ILE B 10 18.91 -0.67 -33.11
N LYS B 11 20.17 -0.25 -33.26
CA LYS B 11 21.27 -1.20 -33.34
C LYS B 11 21.15 -2.24 -32.26
N GLN B 12 21.22 -1.77 -31.01
CA GLN B 12 20.99 -2.57 -29.81
C GLN B 12 19.78 -3.49 -29.84
N LEU B 13 18.67 -2.97 -30.30
CA LEU B 13 17.46 -3.73 -30.39
C LEU B 13 17.62 -4.85 -31.43
N GLU B 14 18.26 -4.54 -32.56
CA GLU B 14 18.50 -5.52 -33.60
C GLU B 14 19.40 -6.69 -33.26
N ARG B 15 20.28 -6.45 -32.30
CA ARG B 15 21.15 -7.41 -31.67
C ARG B 15 20.45 -8.42 -30.78
N ALA B 16 19.74 -7.92 -29.79
CA ALA B 16 19.04 -8.86 -28.96
C ALA B 16 18.18 -9.75 -29.84
N ALA B 17 17.69 -9.20 -30.94
CA ALA B 17 16.85 -9.99 -31.79
C ALA B 17 17.56 -11.23 -32.33
N GLN B 18 18.88 -11.21 -32.41
CA GLN B 18 19.61 -12.37 -32.88
C GLN B 18 19.42 -13.50 -31.92
N TYR B 19 19.34 -13.10 -30.68
CA TYR B 19 19.29 -14.11 -29.65
C TYR B 19 17.94 -14.46 -29.17
N MET B 20 16.94 -13.97 -29.86
CA MET B 20 15.62 -14.31 -29.41
C MET B 20 14.66 -14.24 -30.58
N GLU B 21 13.52 -14.86 -30.38
CA GLU B 21 12.55 -14.84 -31.43
C GLU B 21 11.57 -13.74 -31.12
N ILE B 22 11.48 -12.85 -32.08
CA ILE B 22 10.56 -11.76 -31.93
C ILE B 22 10.12 -11.32 -33.31
N SER B 23 8.84 -11.02 -33.40
CA SER B 23 8.34 -10.55 -34.68
C SER B 23 8.82 -9.18 -35.15
N GLU B 24 8.67 -8.96 -36.44
CA GLU B 24 8.98 -7.69 -37.06
C GLU B 24 8.01 -6.62 -36.62
N GLU B 25 6.75 -7.03 -36.51
CA GLU B 25 5.67 -6.21 -36.00
C GLU B 25 6.12 -5.59 -34.67
N ALA B 26 6.58 -6.46 -33.74
CA ALA B 26 7.03 -5.94 -32.47
C ALA B 26 8.22 -5.00 -32.62
N LEU B 27 9.21 -5.47 -33.35
CA LEU B 27 10.45 -4.72 -33.53
C LEU B 27 10.16 -3.32 -34.00
N GLU B 28 9.34 -3.29 -35.02
CA GLU B 28 9.07 -1.99 -35.53
C GLU B 28 8.34 -1.13 -34.51
N PHE B 29 7.44 -1.72 -33.75
CA PHE B 29 6.75 -0.90 -32.76
C PHE B 29 7.76 -0.37 -31.77
N LEU B 30 8.70 -1.24 -31.40
CA LEU B 30 9.67 -0.88 -30.39
C LEU B 30 10.67 0.19 -30.74
N LYS B 31 10.88 0.37 -32.02
CA LYS B 31 11.85 1.33 -32.52
C LYS B 31 11.40 2.76 -32.50
N ARG B 32 10.12 2.96 -32.20
CA ARG B 32 9.52 4.28 -32.18
C ARG B 32 8.91 4.50 -30.81
N PRO B 33 9.07 5.70 -30.30
CA PRO B 33 8.40 6.06 -29.07
C PRO B 33 6.89 6.22 -29.32
N GLN B 34 6.09 5.79 -28.35
CA GLN B 34 4.65 5.93 -28.48
C GLN B 34 4.23 7.40 -28.50
N ARG B 35 4.88 8.19 -27.64
CA ARG B 35 4.45 9.56 -27.52
C ARG B 35 5.58 10.53 -27.23
N ILE B 36 5.55 11.61 -27.99
CA ILE B 36 6.48 12.71 -27.83
C ILE B 36 5.71 13.99 -27.70
N VAL B 37 6.12 14.80 -26.73
CA VAL B 37 5.55 16.16 -26.59
C VAL B 37 6.71 17.16 -26.59
N GLU B 38 6.68 18.13 -27.49
CA GLU B 38 7.72 19.15 -27.48
C GLU B 38 7.00 20.47 -27.23
N VAL B 39 7.44 21.26 -26.28
CA VAL B 39 6.73 22.51 -25.99
C VAL B 39 7.63 23.76 -25.92
N THR B 40 7.06 24.94 -26.03
CA THR B 40 7.84 26.15 -25.85
C THR B 40 7.51 26.67 -24.47
N ILE B 41 8.46 26.89 -23.54
CA ILE B 41 8.16 27.40 -22.20
C ILE B 41 8.60 28.84 -22.07
N PRO B 42 7.67 29.73 -21.86
CA PRO B 42 8.09 31.09 -21.71
C PRO B 42 8.43 31.33 -20.25
N VAL B 43 9.55 31.99 -20.02
CA VAL B 43 9.99 32.33 -18.68
C VAL B 43 10.22 33.82 -18.54
N GLU B 44 9.59 34.42 -17.52
CA GLU B 44 9.79 35.81 -17.15
C GLU B 44 11.13 35.88 -16.47
N MET B 45 12.04 36.59 -17.11
CA MET B 45 13.35 36.71 -16.54
C MET B 45 13.44 37.79 -15.50
N ASP B 46 14.54 37.73 -14.81
CA ASP B 46 14.74 38.71 -13.77
C ASP B 46 14.75 40.15 -14.27
N ASP B 47 15.22 40.39 -15.49
CA ASP B 47 15.22 41.70 -16.10
C ASP B 47 13.83 42.12 -16.57
N GLY B 48 12.86 41.25 -16.27
CA GLY B 48 11.48 41.49 -16.62
C GLY B 48 11.14 41.27 -18.08
N SER B 49 12.02 40.67 -18.85
CA SER B 49 11.64 40.34 -20.22
C SER B 49 11.24 38.84 -20.30
N VAL B 50 10.47 38.47 -21.31
CA VAL B 50 10.14 37.06 -21.38
C VAL B 50 11.10 36.23 -22.22
N LYS B 51 11.52 35.07 -21.76
CA LYS B 51 12.40 34.33 -22.62
C LYS B 51 11.81 32.95 -22.87
N VAL B 52 11.80 32.49 -24.12
CA VAL B 52 11.25 31.17 -24.45
C VAL B 52 12.27 30.04 -24.51
N PHE B 53 11.99 28.88 -23.91
CA PHE B 53 12.88 27.73 -23.92
C PHE B 53 12.15 26.55 -24.54
N THR B 54 12.91 25.62 -25.13
CA THR B 54 12.31 24.45 -25.72
C THR B 54 12.45 23.25 -24.82
N GLY B 55 11.33 22.52 -24.63
CA GLY B 55 11.27 21.34 -23.81
C GLY B 55 10.61 20.13 -24.45
N PHE B 56 10.92 18.98 -23.87
CA PHE B 56 10.34 17.76 -24.36
C PHE B 56 10.10 16.76 -23.23
N ARG B 57 9.15 15.90 -23.53
CA ARG B 57 8.92 14.74 -22.72
C ARG B 57 8.63 13.62 -23.71
N VAL B 58 9.44 12.58 -23.64
CA VAL B 58 9.27 11.41 -24.51
C VAL B 58 8.82 10.21 -23.69
N GLN B 59 7.73 9.60 -24.14
CA GLN B 59 7.19 8.40 -23.50
C GLN B 59 7.42 7.22 -24.45
N HIS B 60 8.55 6.49 -24.33
CA HIS B 60 8.86 5.44 -25.31
C HIS B 60 7.83 4.29 -25.40
N ASN B 61 7.57 3.60 -24.27
CA ASN B 61 6.66 2.46 -24.26
C ASN B 61 6.12 2.32 -22.88
N TRP B 62 4.81 2.15 -22.75
CA TRP B 62 4.18 2.00 -21.44
C TRP B 62 3.43 0.69 -21.31
N ALA B 63 3.87 -0.31 -22.08
CA ALA B 63 3.23 -1.62 -22.00
C ALA B 63 3.22 -2.20 -20.58
N ARG B 64 4.33 -2.05 -19.88
CA ARG B 64 4.46 -2.65 -18.57
C ARG B 64 4.01 -1.78 -17.44
N GLY B 65 3.67 -0.54 -17.72
CA GLY B 65 3.25 0.29 -16.62
C GLY B 65 3.61 1.73 -17.00
N PRO B 66 3.33 2.67 -16.10
CA PRO B 66 3.61 4.08 -16.29
C PRO B 66 5.08 4.27 -16.66
N THR B 67 5.36 5.24 -17.53
CA THR B 67 6.74 5.46 -17.93
C THR B 67 7.53 6.16 -16.80
N LYS B 68 8.82 5.90 -16.74
CA LYS B 68 9.64 6.40 -15.65
C LYS B 68 10.96 6.91 -16.22
N GLY B 69 11.43 8.10 -15.79
CA GLY B 69 12.66 8.68 -16.30
C GLY B 69 12.80 10.16 -16.01
N GLY B 70 14.08 10.53 -15.89
CA GLY B 70 14.58 11.83 -15.49
C GLY B 70 14.46 12.95 -16.49
N ILE B 71 14.74 14.12 -15.94
CA ILE B 71 14.67 15.30 -16.76
C ILE B 71 16.05 15.92 -16.76
N ARG B 72 16.57 16.14 -17.97
CA ARG B 72 17.86 16.77 -18.09
C ARG B 72 17.75 18.23 -18.53
N TRP B 73 18.57 19.11 -17.95
CA TRP B 73 18.66 20.53 -18.29
C TRP B 73 20.05 20.76 -18.88
N HIS B 74 20.12 20.97 -20.17
CA HIS B 74 21.46 21.06 -20.71
C HIS B 74 21.47 21.81 -22.03
N PRO B 75 22.46 22.65 -22.24
CA PRO B 75 22.54 23.52 -23.40
C PRO B 75 22.61 22.79 -24.70
N GLU B 76 23.00 21.54 -24.67
CA GLU B 76 23.02 20.85 -25.94
C GLU B 76 22.06 19.68 -26.04
N GLU B 77 21.00 19.70 -25.26
CA GLU B 77 20.05 18.61 -25.31
C GLU B 77 19.49 18.61 -26.72
N THR B 78 19.09 17.44 -27.19
CA THR B 78 18.42 17.37 -28.46
C THR B 78 17.32 16.39 -28.31
N LEU B 79 16.34 16.46 -29.19
CA LEU B 79 15.32 15.48 -29.04
C LEU B 79 15.81 14.06 -29.27
N SER B 80 16.80 13.86 -30.16
CA SER B 80 17.30 12.52 -30.48
C SER B 80 17.87 11.74 -29.29
N THR B 81 18.52 12.55 -28.47
CA THR B 81 19.13 12.09 -27.26
C THR B 81 18.08 11.69 -26.25
N VAL B 82 17.06 12.53 -26.08
CA VAL B 82 15.99 12.23 -25.15
C VAL B 82 15.25 10.97 -25.65
N LYS B 83 15.01 10.81 -26.95
CA LYS B 83 14.33 9.62 -27.42
C LYS B 83 15.18 8.42 -27.13
N ALA B 84 16.46 8.57 -27.42
CA ALA B 84 17.36 7.47 -27.16
C ALA B 84 17.38 7.06 -25.67
N LEU B 85 17.43 8.03 -24.76
CA LEU B 85 17.45 7.75 -23.32
C LEU B 85 16.10 7.25 -22.80
N ALA B 86 14.99 7.54 -23.48
CA ALA B 86 13.67 7.06 -23.06
C ALA B 86 13.64 5.58 -23.35
N ALA B 87 14.12 5.21 -24.57
CA ALA B 87 14.16 3.80 -24.92
C ALA B 87 15.03 3.01 -23.95
N TRP B 88 16.14 3.60 -23.56
CA TRP B 88 16.96 2.93 -22.55
C TRP B 88 16.28 2.63 -21.22
N MET B 89 15.47 3.60 -20.72
CA MET B 89 14.69 3.43 -19.49
C MET B 89 13.69 2.29 -19.62
N THR B 90 13.23 2.12 -20.87
CA THR B 90 12.33 1.03 -21.13
C THR B 90 13.05 -0.28 -20.84
N TRP B 91 14.29 -0.42 -21.29
CA TRP B 91 14.98 -1.68 -21.05
C TRP B 91 15.34 -1.80 -19.58
N LYS B 92 15.75 -0.69 -19.01
CA LYS B 92 16.15 -0.78 -17.62
C LYS B 92 15.06 -1.14 -16.63
N THR B 93 13.85 -0.63 -16.83
CA THR B 93 12.80 -0.93 -15.88
C THR B 93 12.38 -2.38 -16.07
N ALA B 94 12.54 -2.84 -17.29
CA ALA B 94 12.14 -4.21 -17.59
C ALA B 94 13.12 -5.24 -17.02
N VAL B 95 14.43 -4.96 -17.17
CA VAL B 95 15.45 -5.84 -16.63
C VAL B 95 15.23 -6.01 -15.13
N MET B 96 14.80 -4.92 -14.49
CA MET B 96 14.54 -4.95 -13.06
C MET B 96 13.18 -5.50 -12.73
N ASP B 97 12.45 -5.88 -13.75
CA ASP B 97 11.11 -6.32 -13.47
C ASP B 97 10.30 -5.25 -12.72
N LEU B 98 10.37 -3.97 -13.04
CA LEU B 98 9.53 -2.98 -12.34
C LEU B 98 8.24 -2.81 -13.20
N PRO B 99 7.11 -2.41 -12.60
CA PRO B 99 5.82 -2.23 -13.32
C PRO B 99 5.78 -0.83 -13.97
N TYR B 100 6.78 -0.61 -14.82
CA TYR B 100 6.94 0.66 -15.47
C TYR B 100 7.43 0.49 -16.88
N GLY B 101 7.31 1.56 -17.65
CA GLY B 101 7.86 1.61 -18.98
C GLY B 101 8.95 2.69 -19.00
N GLY B 102 9.46 3.10 -20.17
CA GLY B 102 10.50 4.11 -20.04
C GLY B 102 10.15 5.50 -20.57
N GLY B 103 10.58 6.54 -19.89
CA GLY B 103 10.28 7.86 -20.42
C GLY B 103 11.47 8.78 -20.17
N LYS B 104 11.46 9.98 -20.72
CA LYS B 104 12.62 10.86 -20.43
C LYS B 104 12.28 12.29 -20.86
N GLY B 105 12.90 13.31 -20.22
CA GLY B 105 12.58 14.64 -20.68
C GLY B 105 13.81 15.49 -20.71
N GLY B 106 13.68 16.64 -21.34
CA GLY B 106 14.86 17.50 -21.37
C GLY B 106 14.46 18.93 -21.68
N ILE B 107 15.27 19.89 -21.29
CA ILE B 107 15.03 21.28 -21.64
C ILE B 107 16.35 21.81 -22.17
N ILE B 108 16.31 22.47 -23.30
CA ILE B 108 17.54 23.02 -23.85
C ILE B 108 17.77 24.37 -23.19
N VAL B 109 18.67 24.30 -22.23
CA VAL B 109 19.02 25.43 -21.40
C VAL B 109 20.40 25.24 -20.74
N ASP B 110 21.04 26.37 -20.46
CA ASP B 110 22.26 26.38 -19.67
C ASP B 110 21.89 27.01 -18.35
N PRO B 111 21.69 26.12 -17.43
CA PRO B 111 21.16 26.42 -16.12
C PRO B 111 22.08 27.31 -15.33
N LYS B 112 23.34 27.27 -15.76
CA LYS B 112 24.39 28.03 -15.14
C LYS B 112 24.16 29.50 -15.34
N LYS B 113 23.33 29.89 -16.29
CA LYS B 113 23.08 31.31 -16.44
C LYS B 113 21.76 31.75 -15.85
N LEU B 114 21.08 30.89 -15.09
CA LEU B 114 19.78 31.33 -14.65
C LEU B 114 19.88 31.55 -13.19
N SER B 115 19.03 32.39 -12.73
CA SER B 115 18.99 32.50 -11.29
C SER B 115 18.02 31.45 -10.76
N ASP B 116 18.01 31.37 -9.46
CA ASP B 116 17.12 30.48 -8.73
C ASP B 116 15.65 30.79 -9.00
N ARG B 117 15.40 32.08 -9.07
CA ARG B 117 14.05 32.52 -9.33
C ARG B 117 13.70 32.05 -10.70
N GLU B 118 14.67 32.22 -11.58
CA GLU B 118 14.53 31.83 -12.97
C GLU B 118 14.48 30.31 -13.09
N LYS B 119 15.26 29.60 -12.30
CA LYS B 119 15.15 28.18 -12.40
C LYS B 119 13.78 27.69 -11.98
N GLU B 120 13.30 28.30 -10.89
CA GLU B 120 12.02 27.94 -10.32
C GLU B 120 10.89 28.09 -11.34
N ARG B 121 10.89 29.26 -11.95
CA ARG B 121 9.95 29.56 -13.01
C ARG B 121 10.10 28.63 -14.22
N LEU B 122 11.29 28.18 -14.60
CA LEU B 122 11.37 27.31 -15.74
C LEU B 122 10.79 25.93 -15.38
N ALA B 123 11.07 25.49 -14.17
CA ALA B 123 10.59 24.22 -13.66
C ALA B 123 9.06 24.17 -13.56
N ARG B 124 8.44 25.22 -13.01
CA ARG B 124 7.00 25.26 -12.93
C ARG B 124 6.40 25.35 -14.33
N GLY B 125 7.11 26.06 -15.22
CA GLY B 125 6.67 26.22 -16.59
C GLY B 125 6.63 24.90 -17.35
N TYR B 126 7.62 24.06 -17.08
CA TYR B 126 7.59 22.82 -17.83
C TYR B 126 6.36 22.03 -17.42
N ILE B 127 6.07 22.07 -16.14
CA ILE B 127 4.92 21.28 -15.70
C ILE B 127 3.61 21.80 -16.28
N ARG B 128 3.47 23.14 -16.28
CA ARG B 128 2.30 23.79 -16.82
C ARG B 128 2.13 23.47 -18.30
N ALA B 129 3.24 23.25 -18.98
CA ALA B 129 3.25 22.88 -20.39
C ALA B 129 2.95 21.39 -20.59
N ILE B 130 3.44 20.41 -19.78
CA ILE B 130 3.21 18.99 -20.08
C ILE B 130 2.20 18.28 -19.18
N TYR B 131 1.46 19.06 -18.43
CA TYR B 131 0.50 18.57 -17.46
C TYR B 131 -0.38 17.45 -18.00
N ASP B 132 -0.94 17.67 -19.17
CA ASP B 132 -1.93 16.74 -19.69
C ASP B 132 -1.46 15.33 -19.93
N VAL B 133 -0.15 15.16 -20.03
CA VAL B 133 0.38 13.86 -20.34
C VAL B 133 1.11 13.17 -19.19
N ILE B 134 1.01 13.75 -18.01
CA ILE B 134 1.63 13.14 -16.84
C ILE B 134 0.57 12.90 -15.78
N SER B 135 0.89 11.98 -14.89
CA SER B 135 0.08 11.61 -13.77
C SER B 135 0.85 10.52 -13.02
N PRO B 136 0.50 10.27 -11.74
CA PRO B 136 1.09 9.26 -10.88
C PRO B 136 0.92 7.84 -11.41
N TYR B 137 0.01 7.67 -12.35
CA TYR B 137 -0.22 6.38 -12.91
C TYR B 137 0.10 6.49 -14.37
N GLU B 138 0.73 7.56 -14.80
CA GLU B 138 0.95 7.72 -16.25
C GLU B 138 2.42 7.95 -16.63
N ASP B 139 3.07 8.94 -16.05
CA ASP B 139 4.45 9.19 -16.39
C ASP B 139 5.06 9.92 -15.21
N ILE B 140 6.11 9.39 -14.60
CA ILE B 140 6.68 9.96 -13.37
C ILE B 140 8.11 10.41 -13.54
N PRO B 141 8.40 11.71 -13.54
CA PRO B 141 9.79 12.02 -13.79
C PRO B 141 10.67 11.92 -12.55
N ALA B 142 11.87 12.45 -12.71
CA ALA B 142 12.90 12.37 -11.68
C ALA B 142 14.02 13.28 -12.14
N PRO B 143 15.02 13.47 -11.28
CA PRO B 143 16.14 14.37 -11.56
C PRO B 143 17.17 13.77 -12.53
N ASP B 144 18.00 14.60 -13.14
CA ASP B 144 18.99 14.04 -14.00
C ASP B 144 20.08 15.10 -14.17
N VAL B 145 20.64 15.20 -15.33
CA VAL B 145 21.71 16.15 -15.60
C VAL B 145 21.19 17.50 -15.27
N TYR B 146 21.89 18.14 -14.34
CA TYR B 146 21.48 19.48 -13.96
C TYR B 146 20.12 19.66 -13.32
N THR B 147 19.45 18.61 -12.86
CA THR B 147 18.26 18.94 -12.12
C THR B 147 18.43 18.19 -10.83
N ASN B 148 17.70 18.54 -9.82
CA ASN B 148 17.88 17.87 -8.54
C ASN B 148 16.62 18.03 -7.68
N PRO B 149 16.72 17.68 -6.40
CA PRO B 149 15.57 17.64 -5.54
C PRO B 149 14.91 18.93 -5.40
N GLN B 150 15.69 19.97 -5.44
CA GLN B 150 15.01 21.24 -5.32
C GLN B 150 14.16 21.43 -6.54
N ILE B 151 14.68 21.12 -7.69
CA ILE B 151 13.92 21.27 -8.92
C ILE B 151 12.67 20.38 -8.96
N MET B 152 12.84 19.17 -8.48
CA MET B 152 11.75 18.24 -8.40
C MET B 152 10.63 18.80 -7.53
N ALA B 153 11.04 19.41 -6.39
CA ALA B 153 10.09 19.97 -5.42
C ALA B 153 9.20 21.04 -6.01
N TRP B 154 9.79 21.87 -6.83
CA TRP B 154 9.03 22.94 -7.41
C TRP B 154 8.07 22.38 -8.43
N MET B 155 8.52 21.31 -9.11
CA MET B 155 7.70 20.64 -10.12
C MET B 155 6.56 19.94 -9.43
N MET B 156 6.82 19.26 -8.32
CA MET B 156 5.69 18.65 -7.65
C MET B 156 4.65 19.70 -7.20
N ASP B 157 5.13 20.82 -6.66
CA ASP B 157 4.27 21.85 -6.11
C ASP B 157 3.28 22.42 -7.13
N GLU B 158 3.82 22.71 -8.32
CA GLU B 158 3.03 23.19 -9.43
C GLU B 158 2.00 22.15 -9.85
N TYR B 159 2.43 20.89 -9.92
CA TYR B 159 1.50 19.80 -10.24
C TYR B 159 0.33 19.74 -9.27
N GLU B 160 0.72 19.86 -7.98
CA GLU B 160 -0.26 19.83 -6.92
C GLU B 160 -1.26 20.97 -7.08
N THR B 161 -0.76 22.13 -7.45
CA THR B 161 -1.63 23.28 -7.61
C THR B 161 -2.59 23.13 -8.79
N ILE B 162 -2.13 22.53 -9.87
CA ILE B 162 -3.00 22.36 -11.02
C ILE B 162 -3.97 21.22 -10.84
N SER B 163 -3.46 20.12 -10.29
CA SER B 163 -4.34 18.97 -10.06
C SER B 163 -5.35 19.16 -8.90
N ARG B 164 -5.27 20.23 -8.11
CA ARG B 164 -6.19 20.48 -6.99
C ARG B 164 -6.16 19.41 -5.91
N ARG B 165 -5.09 18.66 -5.68
CA ARG B 165 -5.08 17.72 -4.56
C ARG B 165 -6.10 16.60 -4.64
N LYS B 166 -6.47 16.35 -5.87
CA LYS B 166 -7.43 15.28 -6.06
C LYS B 166 -6.78 13.98 -6.45
N THR B 167 -5.47 13.94 -6.56
CA THR B 167 -4.83 12.68 -6.90
C THR B 167 -3.61 12.63 -5.98
N PRO B 168 -2.93 11.53 -5.71
CA PRO B 168 -1.78 11.57 -4.78
C PRO B 168 -0.60 12.30 -5.40
N ALA B 169 -0.53 13.61 -5.22
CA ALA B 169 0.47 14.42 -5.88
C ALA B 169 1.92 14.18 -5.59
N PHE B 170 2.19 13.74 -4.36
CA PHE B 170 3.58 13.49 -4.03
C PHE B 170 4.09 12.43 -5.00
N GLY B 171 3.16 11.62 -5.52
CA GLY B 171 3.55 10.54 -6.40
C GLY B 171 3.84 10.95 -7.84
N ILE B 172 3.73 12.24 -8.17
CA ILE B 172 3.97 12.59 -9.56
C ILE B 172 5.43 12.50 -10.05
N ILE B 173 6.41 12.56 -9.15
CA ILE B 173 7.82 12.68 -9.57
C ILE B 173 8.70 12.17 -8.43
N THR B 174 9.89 11.61 -8.67
CA THR B 174 10.68 11.06 -7.58
C THR B 174 11.94 11.84 -7.34
N GLY B 175 12.83 11.38 -6.43
CA GLY B 175 14.01 12.18 -6.14
C GLY B 175 13.65 13.45 -5.34
N LYS B 176 12.53 13.40 -4.63
CA LYS B 176 12.12 14.58 -3.88
C LYS B 176 12.86 14.63 -2.53
N PRO B 177 12.84 15.85 -1.97
CA PRO B 177 13.32 16.11 -0.64
C PRO B 177 12.49 15.36 0.36
N LEU B 178 13.17 15.06 1.42
CA LEU B 178 12.45 14.30 2.41
C LEU B 178 11.37 15.09 3.09
N SER B 179 11.42 16.41 3.18
CA SER B 179 10.31 17.09 3.85
C SER B 179 9.00 16.85 3.11
N ILE B 180 9.07 16.46 1.85
CA ILE B 180 7.84 16.26 1.09
C ILE B 180 7.74 14.99 0.28
N GLY B 181 7.86 13.88 0.97
CA GLY B 181 7.65 12.62 0.28
C GLY B 181 8.88 11.91 -0.27
N GLY B 182 10.08 12.48 -0.08
CA GLY B 182 11.29 11.80 -0.58
C GLY B 182 11.52 10.45 0.16
N SER B 183 12.32 9.54 -0.40
CA SER B 183 12.56 8.26 0.25
C SER B 183 13.94 8.21 0.90
N LEU B 184 14.05 7.51 2.01
CA LEU B 184 15.37 7.32 2.59
C LEU B 184 16.08 6.41 1.61
N GLY B 185 17.39 6.48 1.57
CA GLY B 185 18.19 5.59 0.74
C GLY B 185 18.51 6.15 -0.62
N ARG B 186 18.00 7.32 -0.92
CA ARG B 186 18.19 7.82 -2.26
C ARG B 186 19.63 8.12 -2.66
N ILE B 187 20.39 8.75 -1.77
CA ILE B 187 21.75 9.06 -2.12
C ILE B 187 22.66 7.88 -2.42
N GLU B 188 22.59 6.83 -1.62
CA GLU B 188 23.48 5.71 -1.78
C GLU B 188 22.98 4.68 -2.75
N ALA B 189 21.79 4.93 -3.26
CA ALA B 189 21.09 3.95 -4.06
C ALA B 189 21.88 3.22 -5.12
N THR B 190 22.54 4.00 -5.93
CA THR B 190 23.28 3.42 -7.03
C THR B 190 24.40 2.46 -6.66
N ALA B 191 25.21 2.97 -5.72
CA ALA B 191 26.36 2.29 -5.16
C ALA B 191 25.82 1.07 -4.45
N ARG B 192 24.82 1.32 -3.62
CA ARG B 192 24.24 0.25 -2.86
C ARG B 192 23.72 -0.88 -3.75
N GLY B 193 23.02 -0.52 -4.81
CA GLY B 193 22.50 -1.53 -5.70
C GLY B 193 23.65 -2.27 -6.36
N ALA B 194 24.70 -1.56 -6.78
CA ALA B 194 25.83 -2.22 -7.42
C ALA B 194 26.54 -3.20 -6.49
N SER B 195 26.58 -2.89 -5.21
CA SER B 195 27.22 -3.76 -4.26
C SER B 195 26.60 -5.15 -4.21
N TYR B 196 25.28 -5.21 -4.32
CA TYR B 196 24.64 -6.51 -4.27
C TYR B 196 24.96 -7.31 -5.50
N THR B 197 25.07 -6.61 -6.61
CA THR B 197 25.41 -7.30 -7.84
C THR B 197 26.85 -7.85 -7.77
N ILE B 198 27.77 -7.10 -7.16
CA ILE B 198 29.16 -7.47 -7.04
C ILE B 198 29.16 -8.69 -6.15
N ARG B 199 28.44 -8.62 -5.06
CA ARG B 199 28.31 -9.76 -4.17
C ARG B 199 27.85 -11.02 -4.88
N GLU B 200 26.83 -10.96 -5.74
CA GLU B 200 26.44 -12.19 -6.41
C GLU B 200 27.43 -12.61 -7.48
N ALA B 201 28.08 -11.66 -8.14
CA ALA B 201 29.01 -12.04 -9.20
C ALA B 201 30.14 -12.82 -8.56
N ALA B 202 30.55 -12.48 -7.37
CA ALA B 202 31.62 -13.20 -6.72
C ALA B 202 31.14 -14.57 -6.37
N LYS B 203 29.90 -14.67 -5.91
CA LYS B 203 29.38 -15.98 -5.57
C LYS B 203 29.44 -16.86 -6.81
N VAL B 204 28.86 -16.43 -7.92
CA VAL B 204 28.86 -17.23 -9.13
C VAL B 204 30.27 -17.53 -9.65
N LEU B 205 31.23 -16.71 -9.23
CA LEU B 205 32.60 -16.88 -9.61
C LEU B 205 33.26 -17.92 -8.72
N GLY B 206 32.56 -18.33 -7.67
CA GLY B 206 33.11 -19.28 -6.78
C GLY B 206 33.94 -18.62 -5.71
N TRP B 207 33.96 -17.30 -5.66
CA TRP B 207 34.72 -16.75 -4.57
C TRP B 207 34.01 -17.14 -3.31
N ASP B 208 34.96 -17.25 -2.42
CA ASP B 208 34.96 -17.61 -1.03
C ASP B 208 34.27 -16.49 -0.23
N THR B 209 34.79 -15.27 -0.36
CA THR B 209 34.25 -14.07 0.25
C THR B 209 34.80 -12.89 -0.52
N LEU B 210 34.34 -11.70 -0.19
CA LEU B 210 34.81 -10.51 -0.86
C LEU B 210 35.87 -9.88 0.02
N LYS B 211 35.68 -10.29 1.27
CA LYS B 211 36.50 -9.92 2.39
C LYS B 211 37.93 -10.12 1.96
N GLY B 212 38.68 -9.02 1.95
CA GLY B 212 40.06 -9.10 1.59
C GLY B 212 40.30 -8.97 0.12
N LYS B 213 39.24 -9.06 -0.69
CA LYS B 213 39.49 -8.84 -2.10
C LYS B 213 39.72 -7.37 -2.40
N THR B 214 40.14 -7.11 -3.62
CA THR B 214 40.48 -5.73 -3.90
C THR B 214 39.63 -5.15 -5.01
N ILE B 215 39.48 -3.84 -4.94
CA ILE B 215 38.70 -3.16 -5.95
C ILE B 215 39.32 -1.80 -6.22
N ALA B 216 39.24 -1.43 -7.49
CA ALA B 216 39.64 -0.15 -8.02
C ALA B 216 38.38 0.47 -8.62
N ILE B 217 38.13 1.73 -8.22
CA ILE B 217 37.01 2.58 -8.58
C ILE B 217 37.42 3.82 -9.37
N GLN B 218 36.95 3.95 -10.61
CA GLN B 218 37.23 5.11 -11.43
C GLN B 218 36.08 6.08 -11.24
N GLY B 219 36.35 7.20 -10.58
CA GLY B 219 35.31 8.17 -10.38
C GLY B 219 35.13 8.33 -8.89
N TYR B 220 34.95 9.57 -8.50
CA TYR B 220 34.84 9.75 -7.06
C TYR B 220 33.73 10.70 -6.73
N GLY B 221 32.66 10.56 -7.47
CA GLY B 221 31.45 11.28 -7.18
C GLY B 221 30.67 10.43 -6.14
N ASN B 222 29.35 10.69 -6.02
CA ASN B 222 28.40 10.01 -5.14
C ASN B 222 28.54 8.51 -5.26
N ALA B 223 28.41 8.08 -6.53
CA ALA B 223 28.53 6.67 -6.91
C ALA B 223 29.87 6.04 -6.50
N GLY B 224 30.99 6.69 -6.95
CA GLY B 224 32.35 6.21 -6.64
C GLY B 224 32.61 6.18 -5.13
N TYR B 225 32.29 7.30 -4.49
CA TYR B 225 32.51 7.40 -3.06
C TYR B 225 31.66 6.44 -2.27
N TYR B 226 30.39 6.38 -2.58
CA TYR B 226 29.57 5.47 -1.76
C TYR B 226 29.99 4.04 -2.00
N LEU B 227 30.38 3.77 -3.25
CA LEU B 227 30.73 2.39 -3.51
C LEU B 227 31.96 1.96 -2.73
N ALA B 228 32.90 2.89 -2.74
CA ALA B 228 34.17 2.66 -2.06
C ALA B 228 33.86 2.40 -0.61
N LYS B 229 33.04 3.31 -0.13
CA LYS B 229 32.60 3.26 1.24
C LYS B 229 31.90 1.98 1.62
N ILE B 230 31.04 1.56 0.73
CA ILE B 230 30.30 0.35 1.02
C ILE B 230 31.11 -0.90 0.88
N MET B 231 31.87 -0.96 -0.22
CA MET B 231 32.62 -2.18 -0.46
C MET B 231 33.60 -2.48 0.69
N SER B 232 34.21 -1.42 1.20
CA SER B 232 35.14 -1.57 2.31
C SER B 232 34.49 -1.83 3.67
N GLU B 233 33.67 -0.86 4.08
CA GLU B 233 33.02 -1.02 5.35
C GLU B 233 32.02 -2.13 5.42
N ASP B 234 31.26 -2.38 4.35
CA ASP B 234 30.26 -3.43 4.47
C ASP B 234 30.72 -4.80 4.02
N PHE B 235 31.70 -4.84 3.11
CA PHE B 235 32.13 -6.10 2.56
C PHE B 235 33.53 -6.52 2.96
N GLY B 236 34.27 -5.55 3.44
CA GLY B 236 35.64 -5.77 3.88
C GLY B 236 36.59 -5.86 2.70
N MET B 237 36.26 -5.23 1.60
CA MET B 237 37.17 -5.29 0.47
C MET B 237 38.25 -4.26 0.66
N LYS B 238 39.33 -4.40 -0.08
CA LYS B 238 40.33 -3.36 0.09
C LYS B 238 40.20 -2.44 -1.08
N VAL B 239 39.92 -1.17 -0.77
CA VAL B 239 39.84 -0.17 -1.82
C VAL B 239 41.22 0.36 -2.16
N VAL B 240 41.83 -0.28 -3.14
CA VAL B 240 43.21 0.07 -3.41
C VAL B 240 43.48 1.29 -4.23
N ALA B 241 42.50 1.74 -4.98
CA ALA B 241 42.70 2.94 -5.78
C ALA B 241 41.40 3.65 -6.13
N VAL B 242 41.37 4.97 -6.17
CA VAL B 242 40.17 5.67 -6.60
C VAL B 242 40.73 6.75 -7.48
N SER B 243 39.93 7.38 -8.30
CA SER B 243 40.44 8.44 -9.12
C SER B 243 39.30 9.41 -9.38
N ASP B 244 39.67 10.54 -9.95
CA ASP B 244 38.77 11.59 -10.34
C ASP B 244 39.30 12.13 -11.64
N SER B 245 38.76 13.22 -12.17
CA SER B 245 39.21 13.67 -13.48
C SER B 245 40.63 14.22 -13.44
N LYS B 246 41.09 14.53 -12.22
CA LYS B 246 42.42 15.07 -12.07
C LYS B 246 43.41 13.98 -11.92
N GLY B 247 42.95 12.84 -11.44
CA GLY B 247 43.84 11.70 -11.37
C GLY B 247 43.45 10.73 -10.27
N GLY B 248 44.25 9.66 -10.23
CA GLY B 248 44.09 8.61 -9.25
C GLY B 248 45.16 8.55 -8.18
N ILE B 249 44.86 7.74 -7.17
CA ILE B 249 45.70 7.48 -6.02
C ILE B 249 45.64 6.00 -5.73
N TYR B 250 46.72 5.49 -5.17
CA TYR B 250 46.83 4.08 -4.93
C TYR B 250 47.44 3.67 -3.60
N ASN B 251 46.93 2.57 -3.11
CA ASN B 251 47.38 2.06 -1.87
C ASN B 251 46.81 0.66 -1.69
N PRO B 252 47.78 -0.24 -1.64
CA PRO B 252 47.63 -1.66 -1.68
C PRO B 252 47.06 -2.22 -0.42
N ASP B 253 47.20 -1.38 0.58
CA ASP B 253 46.65 -1.73 1.87
C ASP B 253 45.17 -1.36 2.03
N GLY B 254 44.69 -0.46 1.15
CA GLY B 254 43.31 0.02 1.08
C GLY B 254 43.12 1.48 1.51
N LEU B 255 42.32 2.23 0.74
CA LEU B 255 42.10 3.60 1.14
C LEU B 255 40.97 3.75 2.15
N ASN B 256 40.91 4.86 2.83
CA ASN B 256 39.81 5.09 3.73
C ASN B 256 38.99 6.14 2.98
N ALA B 257 37.80 5.67 2.56
CA ALA B 257 36.89 6.44 1.69
C ALA B 257 36.52 7.83 2.16
N ASP B 258 36.14 7.87 3.42
CA ASP B 258 35.78 9.14 3.99
C ASP B 258 36.92 10.14 4.00
N GLU B 259 38.04 9.59 4.43
CA GLU B 259 39.23 10.42 4.55
C GLU B 259 39.63 10.83 3.16
N VAL B 260 39.53 9.94 2.19
CA VAL B 260 39.85 10.47 0.86
C VAL B 260 38.83 11.52 0.40
N LEU B 261 37.58 11.35 0.87
CA LEU B 261 36.54 12.28 0.48
C LEU B 261 36.89 13.67 0.96
N LYS B 262 37.19 13.74 2.24
CA LYS B 262 37.62 15.01 2.82
C LYS B 262 38.82 15.61 2.13
N TRP B 263 39.80 14.78 1.80
CA TRP B 263 40.91 15.37 1.09
C TRP B 263 40.43 16.02 -0.19
N LYS B 264 39.63 15.24 -0.90
CA LYS B 264 39.17 15.74 -2.19
C LYS B 264 38.44 17.03 -1.97
N ASN B 265 37.64 17.05 -0.91
CA ASN B 265 36.87 18.24 -0.64
C ASN B 265 37.71 19.48 -0.42
N GLU B 266 38.82 19.34 0.25
CA GLU B 266 39.56 20.56 0.44
C GLU B 266 40.38 20.98 -0.76
N HIS B 267 41.05 19.98 -1.31
CA HIS B 267 41.97 20.16 -2.42
C HIS B 267 41.32 20.14 -3.79
N GLY B 268 40.21 19.45 -3.96
CA GLY B 268 39.63 19.42 -5.29
C GLY B 268 39.90 18.15 -6.10
N SER B 269 40.81 17.33 -5.60
CA SER B 269 41.15 16.09 -6.28
C SER B 269 41.60 15.11 -5.24
N VAL B 270 41.42 13.84 -5.54
CA VAL B 270 41.84 12.82 -4.64
C VAL B 270 43.37 12.83 -4.79
N LYS B 271 43.80 13.42 -5.90
CA LYS B 271 45.20 13.45 -6.25
C LYS B 271 45.99 14.10 -5.14
N ASP B 272 47.18 13.56 -4.90
CA ASP B 272 48.09 14.01 -3.84
C ASP B 272 47.68 13.60 -2.43
N PHE B 273 46.66 12.79 -2.28
CA PHE B 273 46.37 12.37 -0.94
C PHE B 273 47.63 11.80 -0.29
N PRO B 274 47.96 12.35 0.87
CA PRO B 274 49.16 11.90 1.56
C PRO B 274 49.31 10.43 1.82
N GLY B 275 48.22 9.76 2.13
CA GLY B 275 48.35 8.35 2.49
C GLY B 275 48.37 7.41 1.29
N ALA B 276 48.81 7.90 0.14
CA ALA B 276 48.86 7.04 -1.01
C ALA B 276 49.83 7.60 -2.02
N THR B 277 50.03 6.89 -3.12
CA THR B 277 50.88 7.30 -4.24
C THR B 277 49.97 7.65 -5.40
N ASN B 278 50.37 8.53 -6.28
CA ASN B 278 49.56 8.89 -7.41
C ASN B 278 49.72 8.00 -8.64
N ILE B 279 48.58 7.75 -9.27
CA ILE B 279 48.54 7.03 -10.53
C ILE B 279 47.64 7.74 -11.48
N THR B 280 47.60 7.29 -12.74
CA THR B 280 46.69 7.85 -13.70
C THR B 280 45.46 6.95 -13.81
N ASN B 281 44.47 7.52 -14.50
CA ASN B 281 43.21 6.86 -14.74
C ASN B 281 43.46 5.62 -15.59
N GLU B 282 44.32 5.84 -16.59
CA GLU B 282 44.70 4.70 -17.42
C GLU B 282 45.33 3.56 -16.65
N GLU B 283 46.17 3.97 -15.74
CA GLU B 283 46.82 2.96 -14.93
C GLU B 283 45.80 2.32 -14.01
N LEU B 284 44.94 3.16 -13.48
CA LEU B 284 43.97 2.60 -12.62
C LEU B 284 43.21 1.48 -13.35
N LEU B 285 42.85 1.70 -14.59
CA LEU B 285 42.11 0.66 -15.27
C LEU B 285 42.87 -0.61 -15.46
N GLU B 286 44.18 -0.50 -15.39
CA GLU B 286 44.96 -1.67 -15.62
C GLU B 286 45.48 -2.34 -14.37
N LEU B 287 45.12 -1.79 -13.24
CA LEU B 287 45.56 -2.48 -12.06
C LEU B 287 45.08 -3.91 -12.06
N GLU B 288 45.83 -4.60 -11.25
CA GLU B 288 45.50 -5.97 -11.05
C GLU B 288 44.67 -6.10 -9.78
N VAL B 289 43.37 -5.93 -9.96
CA VAL B 289 42.46 -6.04 -8.83
C VAL B 289 41.49 -7.18 -9.09
N ASP B 290 40.78 -7.63 -8.06
CA ASP B 290 39.73 -8.61 -8.20
C ASP B 290 38.54 -8.00 -8.92
N VAL B 291 38.20 -6.74 -8.55
CA VAL B 291 37.09 -5.97 -9.09
C VAL B 291 37.50 -4.57 -9.54
N LEU B 292 37.05 -4.24 -10.75
CA LEU B 292 37.25 -2.93 -11.35
C LEU B 292 35.89 -2.29 -11.55
N ALA B 293 35.70 -1.09 -11.03
CA ALA B 293 34.41 -0.42 -11.21
C ALA B 293 34.51 0.97 -11.82
N PRO B 294 34.37 1.07 -13.15
CA PRO B 294 34.36 2.37 -13.81
C PRO B 294 33.07 3.07 -13.42
N ALA B 295 33.16 4.15 -12.63
CA ALA B 295 32.03 4.87 -12.09
C ALA B 295 32.15 6.32 -12.42
N ALA B 296 32.74 6.61 -13.58
CA ALA B 296 32.92 8.00 -13.97
C ALA B 296 32.28 8.35 -15.30
N ILE B 297 33.01 8.05 -16.37
CA ILE B 297 32.50 8.31 -17.71
C ILE B 297 32.54 7.08 -18.60
N GLU B 298 32.01 7.32 -19.79
CA GLU B 298 31.90 6.33 -20.81
C GLU B 298 33.12 6.20 -21.65
N GLU B 299 33.12 5.02 -22.25
CA GLU B 299 34.11 4.61 -23.19
C GLU B 299 35.52 4.68 -22.62
N VAL B 300 35.72 4.22 -21.42
CA VAL B 300 37.07 4.19 -20.91
C VAL B 300 37.70 2.82 -21.18
N ILE B 301 36.95 1.80 -21.54
CA ILE B 301 37.55 0.52 -21.89
C ILE B 301 37.17 0.25 -23.34
N THR B 302 38.18 0.34 -24.21
CA THR B 302 38.06 0.16 -25.64
C THR B 302 39.01 -0.89 -26.17
N LYS B 303 39.06 -0.97 -27.51
CA LYS B 303 39.94 -1.94 -28.18
C LYS B 303 41.41 -1.79 -27.80
N LYS B 304 41.74 -0.51 -27.61
CA LYS B 304 43.04 -0.03 -27.21
C LYS B 304 43.61 -0.68 -25.94
N ASN B 305 42.81 -0.69 -24.86
CA ASN B 305 43.34 -1.22 -23.62
C ASN B 305 42.62 -2.40 -23.07
N ALA B 306 41.51 -2.70 -23.75
CA ALA B 306 40.70 -3.82 -23.30
C ALA B 306 41.63 -5.01 -22.97
N ASP B 307 42.63 -5.09 -23.80
CA ASP B 307 43.56 -6.18 -23.61
C ASP B 307 44.35 -6.17 -22.31
N ASN B 308 44.43 -4.98 -21.72
CA ASN B 308 45.18 -4.84 -20.50
C ASN B 308 44.35 -4.99 -19.26
N ILE B 309 43.07 -5.24 -19.44
CA ILE B 309 42.29 -5.34 -18.23
C ILE B 309 42.61 -6.61 -17.49
N LYS B 310 42.93 -6.42 -16.22
CA LYS B 310 43.28 -7.54 -15.37
C LYS B 310 42.23 -8.00 -14.36
N ALA B 311 41.21 -7.16 -14.16
CA ALA B 311 40.19 -7.53 -13.19
C ALA B 311 39.39 -8.78 -13.58
N LYS B 312 38.88 -9.53 -12.60
CA LYS B 312 38.02 -10.71 -12.81
C LYS B 312 36.54 -10.30 -12.99
N ILE B 313 36.11 -9.24 -12.30
CA ILE B 313 34.78 -8.65 -12.39
C ILE B 313 34.86 -7.15 -12.78
N VAL B 314 34.15 -6.76 -13.83
CA VAL B 314 34.06 -5.36 -14.23
C VAL B 314 32.62 -4.89 -13.93
N ALA B 315 32.42 -4.11 -12.87
CA ALA B 315 31.08 -3.66 -12.51
C ALA B 315 30.82 -2.31 -13.14
N GLU B 316 30.01 -2.28 -14.19
CA GLU B 316 29.72 -1.04 -14.91
C GLU B 316 28.79 -0.09 -14.12
N VAL B 317 29.39 0.82 -13.37
CA VAL B 317 28.63 1.77 -12.59
C VAL B 317 28.14 2.94 -13.42
N ALA B 318 29.05 3.43 -14.22
CA ALA B 318 28.76 4.52 -15.12
C ALA B 318 28.00 3.91 -16.24
N ASN B 319 27.45 4.75 -17.09
CA ASN B 319 26.76 4.38 -18.32
C ASN B 319 27.78 4.28 -19.45
N GLY B 320 27.76 3.16 -20.20
CA GLY B 320 28.65 2.89 -21.30
C GLY B 320 30.17 3.08 -21.13
N PRO B 321 30.80 2.61 -20.05
CA PRO B 321 32.26 2.73 -19.96
C PRO B 321 33.04 1.76 -20.85
N VAL B 322 32.42 0.67 -21.32
CA VAL B 322 33.11 -0.30 -22.15
C VAL B 322 32.52 -0.35 -23.54
N THR B 323 33.35 -0.27 -24.57
CA THR B 323 32.76 -0.37 -25.89
C THR B 323 32.54 -1.81 -26.31
N PRO B 324 31.74 -1.92 -27.31
CA PRO B 324 31.35 -3.17 -27.90
C PRO B 324 32.54 -4.00 -28.35
N GLU B 325 33.55 -3.32 -28.88
CA GLU B 325 34.74 -4.04 -29.31
C GLU B 325 35.45 -4.56 -28.08
N ALA B 326 35.46 -3.75 -27.03
CA ALA B 326 36.09 -4.23 -25.83
C ALA B 326 35.29 -5.36 -25.20
N ASP B 327 33.98 -5.34 -25.40
CA ASP B 327 33.18 -6.37 -24.77
C ASP B 327 33.59 -7.76 -25.22
N GLU B 328 33.82 -7.87 -26.53
CA GLU B 328 34.23 -9.11 -27.18
C GLU B 328 35.51 -9.66 -26.58
N ILE B 329 36.47 -8.76 -26.48
CA ILE B 329 37.75 -9.11 -25.90
C ILE B 329 37.67 -9.61 -24.49
N LEU B 330 36.93 -8.89 -23.66
CA LEU B 330 36.84 -9.26 -22.25
C LEU B 330 36.12 -10.57 -22.05
N PHE B 331 35.17 -10.70 -22.95
CA PHE B 331 34.33 -11.88 -22.87
C PHE B 331 35.19 -13.11 -23.16
N GLU B 332 35.97 -13.10 -24.26
CA GLU B 332 36.91 -14.20 -24.58
C GLU B 332 37.91 -14.48 -23.48
N LYS B 333 38.36 -13.39 -22.83
CA LYS B 333 39.30 -13.46 -21.72
C LYS B 333 38.65 -14.04 -20.45
N GLY B 334 37.34 -14.28 -20.46
CA GLY B 334 36.64 -14.79 -19.27
C GLY B 334 36.36 -13.74 -18.20
N ILE B 335 36.43 -12.46 -18.58
CA ILE B 335 36.08 -11.43 -17.61
C ILE B 335 34.53 -11.32 -17.52
N LEU B 336 33.99 -11.36 -16.31
CA LEU B 336 32.55 -11.22 -16.12
C LEU B 336 32.20 -9.72 -16.01
N GLN B 337 31.38 -9.22 -16.94
CA GLN B 337 30.90 -7.84 -16.89
C GLN B 337 29.49 -7.80 -16.34
N ILE B 338 29.26 -6.84 -15.45
CA ILE B 338 27.91 -6.58 -14.94
C ILE B 338 27.46 -5.36 -15.73
N PRO B 339 26.66 -5.50 -16.79
CA PRO B 339 26.35 -4.36 -17.63
C PRO B 339 25.67 -3.20 -16.94
N ASP B 340 26.05 -2.00 -17.41
CA ASP B 340 25.62 -0.74 -16.85
C ASP B 340 24.16 -0.69 -16.36
N PHE B 341 23.23 -0.92 -17.30
CA PHE B 341 21.80 -0.86 -17.06
C PHE B 341 21.28 -1.82 -16.03
N LEU B 342 22.08 -2.83 -15.74
CA LEU B 342 21.75 -3.74 -14.68
C LEU B 342 22.51 -3.28 -13.45
N CYS B 343 23.82 -3.07 -13.63
CA CYS B 343 24.65 -2.73 -12.47
C CYS B 343 24.21 -1.46 -11.73
N ASN B 344 23.92 -0.43 -12.51
CA ASN B 344 23.59 0.78 -11.83
C ASN B 344 22.10 0.99 -11.63
N ALA B 345 21.27 -0.02 -11.79
CA ALA B 345 19.83 0.15 -11.63
C ALA B 345 19.35 0.38 -10.20
N GLY B 346 20.20 0.49 -9.20
CA GLY B 346 19.58 0.65 -7.89
C GLY B 346 18.88 1.98 -7.75
N GLY B 347 19.33 2.92 -8.57
CA GLY B 347 18.75 4.27 -8.49
C GLY B 347 17.28 4.31 -8.94
N VAL B 348 16.97 3.70 -10.09
CA VAL B 348 15.61 3.69 -10.56
C VAL B 348 14.76 2.86 -9.62
N THR B 349 15.39 1.82 -9.09
CA THR B 349 14.68 0.93 -8.18
C THR B 349 14.28 1.65 -6.91
N VAL B 350 15.18 2.47 -6.38
CA VAL B 350 14.82 3.18 -5.18
C VAL B 350 13.81 4.27 -5.53
N SER B 351 13.84 4.75 -6.78
CA SER B 351 12.86 5.73 -7.22
C SER B 351 11.51 5.04 -7.28
N TYR B 352 11.46 3.79 -7.71
CA TYR B 352 10.27 2.99 -7.68
C TYR B 352 9.71 2.84 -6.24
N PHE B 353 10.63 2.70 -5.29
CA PHE B 353 10.16 2.58 -3.93
C PHE B 353 9.59 3.89 -3.39
N GLU B 354 10.16 5.02 -3.79
CA GLU B 354 9.68 6.32 -3.35
C GLU B 354 8.20 6.48 -3.75
N TRP B 355 7.90 6.16 -5.04
CA TRP B 355 6.59 6.16 -5.68
C TRP B 355 5.60 5.31 -4.89
N VAL B 356 6.02 4.10 -4.50
CA VAL B 356 5.18 3.23 -3.69
C VAL B 356 4.82 3.89 -2.37
N GLN B 357 5.83 4.43 -1.70
CA GLN B 357 5.56 5.08 -0.44
C GLN B 357 4.63 6.27 -0.59
N ASN B 358 4.81 7.03 -1.66
CA ASN B 358 3.95 8.16 -1.92
C ASN B 358 2.51 7.76 -2.22
N ILE B 359 2.30 6.77 -3.06
CA ILE B 359 0.96 6.39 -3.39
C ILE B 359 0.23 5.68 -2.27
N THR B 360 0.96 4.92 -1.47
CA THR B 360 0.36 4.21 -0.34
C THR B 360 0.32 5.09 0.93
N GLY B 361 1.10 6.18 0.94
CA GLY B 361 1.12 7.08 2.07
C GLY B 361 1.89 6.54 3.26
N TYR B 362 2.57 5.41 3.09
CA TYR B 362 3.29 4.81 4.16
C TYR B 362 4.77 4.76 3.79
N TYR B 363 5.57 5.36 4.67
CA TYR B 363 7.00 5.49 4.46
C TYR B 363 7.92 4.45 5.08
N TRP B 364 8.99 4.06 4.40
CA TRP B 364 9.84 3.01 4.94
C TRP B 364 11.13 3.52 5.57
N THR B 365 11.72 2.66 6.38
CA THR B 365 13.03 2.85 6.99
C THR B 365 14.13 2.47 6.01
N ILE B 366 15.33 2.97 6.33
CA ILE B 366 16.48 2.72 5.51
C ILE B 366 16.73 1.24 5.40
N GLU B 367 16.42 0.55 6.49
CA GLU B 367 16.66 -0.88 6.48
C GLU B 367 15.66 -1.59 5.56
N GLU B 368 14.40 -1.13 5.54
CA GLU B 368 13.39 -1.72 4.67
C GLU B 368 13.78 -1.50 3.19
N VAL B 369 14.26 -0.26 2.97
CA VAL B 369 14.73 0.14 1.67
C VAL B 369 15.85 -0.78 1.20
N ARG B 370 16.81 -0.96 2.09
CA ARG B 370 17.97 -1.75 1.76
C ARG B 370 17.65 -3.19 1.47
N GLU B 371 16.77 -3.68 2.34
CA GLU B 371 16.39 -5.07 2.19
C GLU B 371 15.60 -5.34 0.93
N ARG B 372 14.66 -4.48 0.60
CA ARG B 372 13.92 -4.71 -0.62
C ARG B 372 14.81 -4.52 -1.82
N LEU B 373 15.70 -3.53 -1.67
CA LEU B 373 16.61 -3.29 -2.80
C LEU B 373 17.43 -4.52 -3.16
N ASP B 374 17.88 -5.11 -2.07
CA ASP B 374 18.73 -6.31 -2.22
C ASP B 374 18.01 -7.41 -2.99
N LYS B 375 16.77 -7.62 -2.55
CA LYS B 375 16.00 -8.65 -3.19
C LYS B 375 15.79 -8.42 -4.66
N LYS B 376 15.57 -7.16 -4.98
CA LYS B 376 15.32 -6.81 -6.37
C LYS B 376 16.57 -7.03 -7.22
N MET B 377 17.67 -6.49 -6.69
CA MET B 377 18.92 -6.58 -7.41
C MET B 377 19.37 -8.02 -7.62
N THR B 378 19.29 -8.80 -6.53
CA THR B 378 19.76 -10.19 -6.62
C THR B 378 19.02 -10.95 -7.71
N LYS B 379 17.71 -10.75 -7.66
CA LYS B 379 16.84 -11.38 -8.62
C LYS B 379 17.20 -11.02 -10.04
N ALA B 380 17.36 -9.70 -10.26
CA ALA B 380 17.66 -9.26 -11.59
C ALA B 380 19.00 -9.83 -12.06
N PHE B 381 19.95 -9.94 -11.13
CA PHE B 381 21.25 -10.46 -11.50
C PHE B 381 21.18 -11.87 -12.08
N TYR B 382 20.47 -12.75 -11.38
CA TYR B 382 20.33 -14.12 -11.85
C TYR B 382 19.46 -14.24 -13.06
N ASP B 383 18.45 -13.41 -13.12
CA ASP B 383 17.68 -13.51 -14.34
C ASP B 383 18.60 -13.27 -15.51
N VAL B 384 19.53 -12.33 -15.34
CA VAL B 384 20.39 -12.10 -16.47
C VAL B 384 21.44 -13.19 -16.71
N TYR B 385 22.09 -13.56 -15.63
CA TYR B 385 23.17 -14.51 -15.54
C TYR B 385 22.80 -15.87 -16.10
N ASN B 386 21.58 -16.25 -15.79
CA ASN B 386 21.14 -17.52 -16.31
C ASN B 386 21.01 -17.63 -17.79
N ILE B 387 20.57 -16.58 -18.42
CA ILE B 387 20.49 -16.68 -19.86
C ILE B 387 21.88 -16.68 -20.49
N ALA B 388 22.78 -15.88 -19.92
CA ALA B 388 24.07 -15.74 -20.54
C ALA B 388 24.79 -17.07 -20.56
N LYS B 389 24.67 -17.69 -19.39
CA LYS B 389 25.29 -18.99 -19.15
C LYS B 389 24.73 -20.02 -20.09
N GLU B 390 23.43 -20.14 -20.00
CA GLU B 390 22.71 -21.01 -20.85
C GLU B 390 22.97 -20.72 -22.31
N LYS B 391 23.15 -19.49 -22.71
CA LYS B 391 23.38 -19.39 -24.13
C LYS B 391 24.82 -19.17 -24.48
N ASN B 392 25.60 -19.07 -23.42
CA ASN B 392 26.99 -18.80 -23.61
C ASN B 392 27.01 -17.45 -24.31
N ILE B 393 26.34 -16.42 -23.76
CA ILE B 393 26.41 -15.09 -24.41
C ILE B 393 26.94 -14.00 -23.53
N HIS B 394 27.34 -12.88 -24.14
CA HIS B 394 27.80 -11.81 -23.28
C HIS B 394 26.66 -11.36 -22.33
N MET B 395 26.94 -10.96 -21.10
CA MET B 395 25.94 -10.56 -20.13
C MET B 395 25.13 -9.39 -20.65
N ARG B 396 25.79 -8.57 -21.43
CA ARG B 396 25.10 -7.42 -21.95
C ARG B 396 24.00 -7.91 -22.89
N ASP B 397 24.31 -8.89 -23.69
CA ASP B 397 23.35 -9.42 -24.62
C ASP B 397 22.23 -10.13 -23.90
N ALA B 398 22.64 -10.80 -22.83
CA ALA B 398 21.62 -11.50 -22.07
C ALA B 398 20.66 -10.50 -21.42
N ALA B 399 21.19 -9.36 -20.97
CA ALA B 399 20.36 -8.35 -20.34
C ALA B 399 19.29 -7.76 -21.29
N TYR B 400 19.65 -7.49 -22.56
CA TYR B 400 18.70 -7.02 -23.55
C TYR B 400 17.64 -8.09 -23.84
N VAL B 401 18.09 -9.35 -23.91
CA VAL B 401 17.18 -10.46 -24.12
C VAL B 401 16.12 -10.50 -23.01
N VAL B 402 16.56 -10.45 -21.79
CA VAL B 402 15.62 -10.48 -20.68
C VAL B 402 14.65 -9.32 -20.76
N ALA B 403 15.22 -8.14 -21.01
CA ALA B 403 14.40 -6.93 -21.08
C ALA B 403 13.39 -6.89 -22.20
N VAL B 404 13.84 -7.17 -23.41
CA VAL B 404 12.98 -7.07 -24.56
C VAL B 404 11.85 -8.07 -24.56
N GLN B 405 12.22 -9.20 -24.08
CA GLN B 405 11.21 -10.20 -24.09
C GLN B 405 10.08 -9.76 -23.16
N ARG B 406 10.43 -9.21 -22.00
CA ARG B 406 9.35 -8.81 -21.12
C ARG B 406 8.46 -7.74 -21.71
N VAL B 407 9.06 -6.76 -22.38
CA VAL B 407 8.23 -5.72 -23.00
C VAL B 407 7.40 -6.34 -24.12
N TYR B 408 8.06 -7.14 -24.93
CA TYR B 408 7.40 -7.80 -26.00
C TYR B 408 6.22 -8.60 -25.49
N GLN B 409 6.47 -9.38 -24.48
CA GLN B 409 5.28 -10.12 -24.02
C GLN B 409 4.12 -9.26 -23.50
N ALA B 410 4.40 -8.13 -22.84
CA ALA B 410 3.32 -7.31 -22.32
C ALA B 410 2.55 -6.74 -23.51
N MET B 411 3.26 -6.42 -24.59
CA MET B 411 2.56 -5.91 -25.77
C MET B 411 1.65 -6.93 -26.46
N LEU B 412 2.08 -8.17 -26.46
CA LEU B 412 1.30 -9.21 -27.07
C LEU B 412 0.04 -9.41 -26.25
N ASP B 413 0.24 -9.50 -24.95
CA ASP B 413 -0.91 -9.67 -24.11
C ASP B 413 -1.96 -8.55 -24.24
N ARG B 414 -1.51 -7.30 -24.43
CA ARG B 414 -2.45 -6.20 -24.57
C ARG B 414 -3.10 -6.25 -25.95
N GLY B 415 -2.53 -6.99 -26.88
CA GLY B 415 -3.13 -6.95 -28.20
C GLY B 415 -2.47 -5.84 -28.99
N TRP B 416 -1.41 -5.18 -28.53
CA TRP B 416 -0.77 -4.09 -29.30
C TRP B 416 -0.15 -4.53 -30.62
N VAL B 417 0.41 -5.72 -30.60
CA VAL B 417 0.95 -6.40 -31.76
C VAL B 417 0.21 -7.72 -31.72
N LYS B 418 0.01 -8.35 -32.88
CA LYS B 418 -0.67 -9.65 -32.87
C LYS B 418 0.24 -10.87 -32.93
N HIS B 419 1.51 -10.63 -33.23
CA HIS B 419 2.47 -11.72 -33.30
C HIS B 419 3.80 -11.34 -32.71
N ALA C 3 -9.02 36.98 18.56
CA ALA C 3 -9.33 35.56 18.42
C ALA C 3 -8.80 34.86 19.63
N ASP C 4 -8.97 35.56 20.75
CA ASP C 4 -8.41 35.00 21.97
C ASP C 4 -7.58 33.75 21.61
N PRO C 5 -8.29 32.61 21.49
CA PRO C 5 -7.67 31.32 21.19
C PRO C 5 -6.65 31.35 20.08
N TYR C 6 -7.12 31.90 18.96
CA TYR C 6 -6.23 31.95 17.82
C TYR C 6 -5.04 32.73 18.32
N GLU C 7 -5.42 33.83 18.93
CA GLU C 7 -4.45 34.73 19.51
C GLU C 7 -3.45 33.91 20.28
N ILE C 8 -3.96 32.96 21.04
CA ILE C 8 -3.06 32.13 21.84
C ILE C 8 -1.97 31.50 21.01
N VAL C 9 -2.45 30.92 19.97
CA VAL C 9 -1.61 30.23 19.04
C VAL C 9 -0.52 31.11 18.47
N ILE C 10 -0.89 32.31 18.04
CA ILE C 10 0.22 33.10 17.55
C ILE C 10 1.45 33.07 18.49
N LYS C 11 1.16 33.22 19.78
CA LYS C 11 2.13 33.20 20.83
C LYS C 11 3.04 32.01 20.72
N GLN C 12 2.43 30.85 20.90
CA GLN C 12 3.22 29.64 20.75
C GLN C 12 4.19 29.68 19.59
N LEU C 13 3.74 30.19 18.48
CA LEU C 13 4.59 30.33 17.34
C LEU C 13 5.73 31.29 17.66
N GLU C 14 5.39 32.48 18.14
CA GLU C 14 6.42 33.46 18.49
C GLU C 14 7.44 33.01 19.52
N ARG C 15 6.96 32.19 20.43
CA ARG C 15 7.80 31.61 21.47
C ARG C 15 8.82 30.64 20.93
N ALA C 16 8.32 29.63 20.26
CA ALA C 16 9.25 28.68 19.66
C ALA C 16 10.25 29.39 18.75
N ALA C 17 9.81 30.50 18.18
CA ALA C 17 10.67 31.20 17.27
C ALA C 17 11.96 31.62 17.94
N GLN C 18 11.88 31.78 19.23
CA GLN C 18 13.06 32.22 19.90
C GLN C 18 14.03 31.10 20.13
N TYR C 19 13.60 29.89 19.90
CA TYR C 19 14.58 28.83 20.09
C TYR C 19 15.10 28.28 18.81
N MET C 20 14.78 28.91 17.69
CA MET C 20 15.28 28.39 16.42
C MET C 20 15.33 29.50 15.38
N GLU C 21 16.00 29.23 14.27
CA GLU C 21 15.98 30.25 13.22
C GLU C 21 14.91 29.99 12.15
N ILE C 22 14.17 31.04 11.87
CA ILE C 22 13.09 30.95 10.93
C ILE C 22 12.78 32.37 10.49
N SER C 23 12.52 32.59 9.21
CA SER C 23 12.24 33.96 8.80
C SER C 23 10.88 34.50 9.13
N GLU C 24 10.81 35.83 9.03
CA GLU C 24 9.55 36.52 9.25
C GLU C 24 8.58 36.12 8.17
N GLU C 25 9.13 35.90 6.96
CA GLU C 25 8.42 35.44 5.78
C GLU C 25 7.62 34.19 6.19
N ALA C 26 8.33 33.20 6.76
CA ALA C 26 7.70 31.98 7.20
C ALA C 26 6.79 32.22 8.40
N LEU C 27 7.22 33.03 9.36
CA LEU C 27 6.35 33.23 10.51
C LEU C 27 4.98 33.75 10.14
N GLU C 28 5.03 34.74 9.31
CA GLU C 28 3.86 35.42 8.83
C GLU C 28 2.94 34.46 8.09
N PHE C 29 3.54 33.61 7.29
CA PHE C 29 2.77 32.60 6.59
C PHE C 29 2.08 31.66 7.56
N LEU C 30 2.86 31.15 8.51
CA LEU C 30 2.37 30.22 9.51
C LEU C 30 1.26 30.76 10.36
N LYS C 31 1.18 32.06 10.41
CA LYS C 31 0.17 32.64 11.26
C LYS C 31 -1.20 32.66 10.65
N ARG C 32 -1.26 32.54 9.36
CA ARG C 32 -2.59 32.60 8.77
C ARG C 32 -2.91 31.21 8.24
N PRO C 33 -4.16 30.77 8.34
CA PRO C 33 -4.53 29.48 7.76
C PRO C 33 -4.59 29.65 6.24
N GLN C 34 -4.19 28.65 5.44
CA GLN C 34 -4.23 28.77 3.98
C GLN C 34 -5.63 28.94 3.37
N ARG C 35 -6.58 28.17 3.90
CA ARG C 35 -7.90 28.28 3.33
C ARG C 35 -8.98 28.08 4.35
N ILE C 36 -10.02 28.90 4.24
CA ILE C 36 -11.18 28.75 5.10
C ILE C 36 -12.45 28.71 4.26
N VAL C 37 -13.33 27.82 4.66
CA VAL C 37 -14.62 27.75 4.00
C VAL C 37 -15.70 27.79 5.07
N GLU C 38 -16.61 28.75 4.91
CA GLU C 38 -17.77 28.94 5.78
C GLU C 38 -19.03 28.79 4.94
N VAL C 39 -19.89 27.86 5.35
CA VAL C 39 -21.09 27.56 4.59
C VAL C 39 -22.34 27.56 5.46
N THR C 40 -23.46 27.75 4.80
CA THR C 40 -24.77 27.69 5.41
C THR C 40 -25.36 26.36 4.97
N ILE C 41 -25.75 25.45 5.90
CA ILE C 41 -26.33 24.13 5.67
C ILE C 41 -27.79 24.12 6.07
N PRO C 42 -28.63 24.04 5.07
CA PRO C 42 -30.05 24.03 5.37
C PRO C 42 -30.45 22.62 5.72
N VAL C 43 -31.11 22.39 6.84
CA VAL C 43 -31.53 21.05 7.17
C VAL C 43 -33.05 21.02 7.24
N GLU C 44 -33.64 20.04 6.55
CA GLU C 44 -35.08 19.80 6.61
C GLU C 44 -35.38 19.15 7.98
N MET C 45 -36.07 19.85 8.85
CA MET C 45 -36.32 19.31 10.18
C MET C 45 -37.47 18.35 10.14
N ASP C 46 -37.57 17.68 11.28
CA ASP C 46 -38.65 16.73 11.40
C ASP C 46 -40.02 17.40 11.35
N ASP C 47 -40.10 18.68 11.67
CA ASP C 47 -41.38 19.35 11.57
C ASP C 47 -41.73 19.70 10.12
N GLY C 48 -40.85 19.46 9.13
CA GLY C 48 -41.18 19.81 7.74
C GLY C 48 -40.67 21.19 7.34
N SER C 49 -40.18 21.93 8.32
CA SER C 49 -39.59 23.19 7.96
C SER C 49 -38.07 23.04 7.76
N VAL C 50 -37.45 23.99 7.06
CA VAL C 50 -36.02 23.97 6.87
C VAL C 50 -35.30 24.87 7.88
N LYS C 51 -34.21 24.40 8.45
CA LYS C 51 -33.49 25.34 9.30
C LYS C 51 -32.03 25.43 8.83
N VAL C 52 -31.43 26.60 8.91
CA VAL C 52 -30.06 26.77 8.48
C VAL C 52 -29.06 26.78 9.62
N PHE C 53 -27.91 26.14 9.37
CA PHE C 53 -26.82 26.06 10.35
C PHE C 53 -25.55 26.54 9.68
N THR C 54 -24.62 27.02 10.49
CA THR C 54 -23.33 27.55 10.03
C THR C 54 -22.21 26.60 10.38
N GLY C 55 -21.45 26.23 9.34
CA GLY C 55 -20.34 25.30 9.45
C GLY C 55 -19.08 25.85 8.82
N PHE C 56 -17.97 25.25 9.21
CA PHE C 56 -16.71 25.67 8.70
C PHE C 56 -15.80 24.48 8.53
N ARG C 57 -14.87 24.72 7.63
CA ARG C 57 -13.80 23.78 7.49
C ARG C 57 -12.56 24.66 7.31
N VAL C 58 -11.55 24.55 8.17
CA VAL C 58 -10.32 25.33 8.05
C VAL C 58 -9.13 24.45 7.67
N GLN C 59 -8.34 24.80 6.65
CA GLN C 59 -7.15 24.04 6.29
C GLN C 59 -5.98 24.99 6.59
N HIS C 60 -5.35 24.83 7.76
CA HIS C 60 -4.33 25.78 8.17
C HIS C 60 -3.07 25.80 7.27
N ASN C 61 -2.55 24.60 7.03
CA ASN C 61 -1.31 24.39 6.29
C ASN C 61 -1.21 22.95 5.77
N TRP C 62 -0.89 22.83 4.48
CA TRP C 62 -0.76 21.52 3.85
C TRP C 62 0.57 21.32 3.18
N ALA C 63 1.58 22.02 3.66
CA ALA C 63 2.89 21.82 3.05
C ALA C 63 3.40 20.38 3.17
N ARG C 64 3.09 19.75 4.29
CA ARG C 64 3.63 18.41 4.49
C ARG C 64 2.70 17.35 3.96
N GLY C 65 1.54 17.70 3.44
CA GLY C 65 0.67 16.61 3.06
C GLY C 65 -0.76 17.12 3.28
N PRO C 66 -1.74 16.28 2.99
CA PRO C 66 -3.13 16.60 3.13
C PRO C 66 -3.48 16.96 4.58
N THR C 67 -4.38 17.91 4.79
CA THR C 67 -4.76 18.30 6.16
C THR C 67 -5.62 17.25 6.81
N LYS C 68 -5.47 17.11 8.11
CA LYS C 68 -6.09 16.10 8.94
C LYS C 68 -6.65 16.78 10.20
N GLY C 69 -7.88 16.44 10.62
CA GLY C 69 -8.44 17.01 11.84
C GLY C 69 -9.96 16.84 11.92
N GLY C 70 -10.45 16.71 13.17
CA GLY C 70 -11.84 16.40 13.48
C GLY C 70 -12.83 17.49 13.21
N ILE C 71 -14.07 17.08 13.35
CA ILE C 71 -15.17 17.98 13.22
C ILE C 71 -15.93 18.02 14.56
N ARG C 72 -16.12 19.22 15.12
CA ARG C 72 -16.80 19.45 16.36
C ARG C 72 -18.20 19.93 16.10
N TRP C 73 -19.15 19.39 16.85
CA TRP C 73 -20.54 19.84 16.77
C TRP C 73 -20.80 20.54 18.08
N HIS C 74 -20.98 21.83 18.11
CA HIS C 74 -21.15 22.43 19.42
C HIS C 74 -21.76 23.83 19.35
N PRO C 75 -22.73 24.10 20.20
CA PRO C 75 -23.46 25.35 20.21
C PRO C 75 -22.59 26.56 20.49
N GLU C 76 -21.46 26.37 21.13
CA GLU C 76 -20.65 27.55 21.29
C GLU C 76 -19.46 27.66 20.35
N GLU C 77 -19.45 26.89 19.26
CA GLU C 77 -18.38 26.87 18.28
C GLU C 77 -18.14 28.24 17.68
N THR C 78 -16.88 28.61 17.38
CA THR C 78 -16.64 29.83 16.67
C THR C 78 -15.57 29.53 15.65
N LEU C 79 -15.49 30.39 14.66
CA LEU C 79 -14.45 30.29 13.66
C LEU C 79 -13.05 30.41 14.26
N SER C 80 -12.94 31.28 15.27
CA SER C 80 -11.68 31.52 15.94
C SER C 80 -11.03 30.26 16.52
N THR C 81 -11.92 29.51 17.13
CA THR C 81 -11.55 28.27 17.78
C THR C 81 -11.16 27.23 16.76
N VAL C 82 -12.01 27.09 15.76
CA VAL C 82 -11.74 26.11 14.73
C VAL C 82 -10.43 26.53 14.09
N LYS C 83 -10.22 27.82 13.87
CA LYS C 83 -8.91 28.15 13.33
C LYS C 83 -7.78 27.81 14.25
N ALA C 84 -8.04 28.00 15.53
CA ALA C 84 -6.99 27.74 16.47
C ALA C 84 -6.64 26.24 16.56
N LEU C 85 -7.65 25.38 16.53
CA LEU C 85 -7.49 23.93 16.59
C LEU C 85 -6.84 23.35 15.32
N ALA C 86 -7.05 24.01 14.18
CA ALA C 86 -6.43 23.59 12.92
C ALA C 86 -4.94 23.84 12.96
N ALA C 87 -4.51 25.02 13.48
CA ALA C 87 -3.06 25.27 13.58
C ALA C 87 -2.40 24.24 14.47
N TRP C 88 -3.09 23.93 15.53
CA TRP C 88 -2.61 22.92 16.43
C TRP C 88 -2.42 21.58 15.75
N MET C 89 -3.36 21.20 14.86
CA MET C 89 -3.20 19.91 14.19
C MET C 89 -1.99 19.97 13.29
N THR C 90 -1.67 21.15 12.81
CA THR C 90 -0.46 21.22 12.04
C THR C 90 0.75 20.85 12.92
N TRP C 91 0.84 21.36 14.16
CA TRP C 91 2.03 21.05 14.97
C TRP C 91 2.08 19.57 15.33
N LYS C 92 0.91 19.08 15.60
CA LYS C 92 0.79 17.70 16.04
C LYS C 92 1.12 16.63 15.00
N THR C 93 0.69 16.87 13.74
CA THR C 93 1.02 15.95 12.67
C THR C 93 2.54 16.00 12.38
N ALA C 94 3.12 17.18 12.51
CA ALA C 94 4.53 17.40 12.26
C ALA C 94 5.39 16.77 13.31
N VAL C 95 4.99 16.95 14.56
CA VAL C 95 5.72 16.31 15.65
C VAL C 95 5.77 14.79 15.51
N MET C 96 4.65 14.21 15.06
CA MET C 96 4.55 12.79 14.85
C MET C 96 5.20 12.39 13.53
N ASP C 97 5.67 13.36 12.74
CA ASP C 97 6.27 13.06 11.46
C ASP C 97 5.23 12.39 10.54
N LEU C 98 3.99 12.84 10.49
CA LEU C 98 3.02 12.17 9.61
C LEU C 98 3.07 12.97 8.31
N PRO C 99 2.71 12.38 7.16
CA PRO C 99 2.71 13.10 5.86
C PRO C 99 1.39 13.88 5.68
N TYR C 100 1.10 14.73 6.65
CA TYR C 100 -0.14 15.48 6.73
C TYR C 100 0.11 16.89 7.27
N GLY C 101 -0.84 17.79 6.99
CA GLY C 101 -0.88 19.14 7.52
C GLY C 101 -2.06 19.19 8.51
N GLY C 102 -2.38 20.38 8.97
CA GLY C 102 -3.47 20.44 9.90
C GLY C 102 -4.77 21.04 9.39
N GLY C 103 -5.86 20.46 9.82
CA GLY C 103 -7.13 21.04 9.47
C GLY C 103 -8.14 20.81 10.59
N LYS C 104 -9.32 21.43 10.51
CA LYS C 104 -10.34 21.31 11.55
C LYS C 104 -11.70 21.82 11.06
N GLY C 105 -12.80 21.26 11.54
CA GLY C 105 -14.09 21.76 11.10
C GLY C 105 -15.04 21.92 12.26
N GLY C 106 -16.13 22.64 12.04
CA GLY C 106 -17.09 22.84 13.10
C GLY C 106 -18.44 23.23 12.57
N ILE C 107 -19.45 22.83 13.32
CA ILE C 107 -20.82 23.23 13.03
C ILE C 107 -21.38 23.92 14.27
N ILE C 108 -21.95 25.10 14.15
CA ILE C 108 -22.52 25.73 15.33
C ILE C 108 -23.89 25.12 15.57
N VAL C 109 -23.96 24.18 16.49
CA VAL C 109 -25.23 23.50 16.64
C VAL C 109 -25.28 22.87 18.02
N ASP C 110 -26.50 22.68 18.55
CA ASP C 110 -26.76 21.97 19.82
C ASP C 110 -27.27 20.59 19.46
N PRO C 111 -26.36 19.65 19.37
CA PRO C 111 -26.75 18.35 18.94
C PRO C 111 -27.79 17.71 19.82
N LYS C 112 -27.92 18.11 21.08
CA LYS C 112 -28.92 17.45 21.89
C LYS C 112 -30.32 17.74 21.43
N LYS C 113 -30.49 18.75 20.61
CA LYS C 113 -31.84 19.00 20.20
C LYS C 113 -32.23 18.40 18.87
N LEU C 114 -31.30 17.71 18.22
CA LEU C 114 -31.70 17.19 16.95
C LEU C 114 -32.01 15.76 17.10
N SER C 115 -32.92 15.33 16.26
CA SER C 115 -33.13 13.91 16.17
C SER C 115 -32.01 13.26 15.36
N ASP C 116 -32.06 11.94 15.37
CA ASP C 116 -31.11 11.17 14.61
C ASP C 116 -31.21 11.45 13.14
N ARG C 117 -32.45 11.52 12.64
CA ARG C 117 -32.67 11.78 11.23
C ARG C 117 -32.14 13.16 10.87
N GLU C 118 -32.32 14.10 11.79
CA GLU C 118 -31.89 15.46 11.65
C GLU C 118 -30.40 15.48 11.74
N LYS C 119 -29.81 14.67 12.61
CA LYS C 119 -28.36 14.65 12.67
C LYS C 119 -27.81 14.10 11.36
N GLU C 120 -28.49 13.12 10.80
CA GLU C 120 -28.03 12.53 9.58
C GLU C 120 -28.06 13.57 8.44
N ARG C 121 -29.14 14.29 8.35
CA ARG C 121 -29.28 15.33 7.35
C ARG C 121 -28.23 16.40 7.50
N LEU C 122 -27.93 16.76 8.73
CA LEU C 122 -26.92 17.78 8.91
C LEU C 122 -25.55 17.28 8.46
N ALA C 123 -25.20 16.03 8.78
CA ALA C 123 -23.90 15.45 8.43
C ALA C 123 -23.75 15.38 6.89
N ARG C 124 -24.82 14.93 6.24
CA ARG C 124 -24.77 14.87 4.80
C ARG C 124 -24.70 16.25 4.17
N GLY C 125 -25.45 17.19 4.76
CA GLY C 125 -25.43 18.56 4.27
C GLY C 125 -24.04 19.21 4.40
N TYR C 126 -23.34 18.87 5.47
CA TYR C 126 -21.99 19.44 5.60
C TYR C 126 -21.12 18.97 4.44
N ILE C 127 -21.18 17.67 4.11
CA ILE C 127 -20.40 17.17 3.00
C ILE C 127 -20.84 17.78 1.67
N ARG C 128 -22.14 17.88 1.48
CA ARG C 128 -22.66 18.46 0.24
C ARG C 128 -22.19 19.88 0.10
N ALA C 129 -21.98 20.55 1.23
CA ALA C 129 -21.53 21.93 1.16
C ALA C 129 -20.00 22.06 0.98
N ILE C 130 -19.16 21.19 1.55
CA ILE C 130 -17.72 21.47 1.44
C ILE C 130 -17.03 20.54 0.48
N TYR C 131 -17.81 19.79 -0.23
CA TYR C 131 -17.25 18.78 -1.08
C TYR C 131 -16.04 19.16 -1.92
N ASP C 132 -16.10 20.34 -2.53
CA ASP C 132 -15.08 20.75 -3.47
C ASP C 132 -13.71 20.91 -2.87
N VAL C 133 -13.64 21.02 -1.55
CA VAL C 133 -12.36 21.22 -0.90
C VAL C 133 -11.83 20.05 -0.09
N ILE C 134 -12.48 18.88 -0.21
CA ILE C 134 -12.05 17.65 0.44
C ILE C 134 -11.70 16.53 -0.55
N SER C 135 -10.87 15.59 -0.19
CA SER C 135 -10.51 14.45 -1.03
C SER C 135 -9.59 13.55 -0.20
N PRO C 136 -9.45 12.26 -0.50
CA PRO C 136 -8.57 11.39 0.23
C PRO C 136 -7.10 11.85 0.17
N TYR C 137 -6.78 12.84 -0.68
CA TYR C 137 -5.40 13.28 -0.80
C TYR C 137 -5.36 14.74 -0.53
N GLU C 138 -6.43 15.28 0.02
CA GLU C 138 -6.55 16.74 0.19
C GLU C 138 -6.86 17.15 1.62
N ASP C 139 -7.91 16.57 2.23
CA ASP C 139 -8.31 16.93 3.56
C ASP C 139 -9.18 15.83 4.13
N ILE C 140 -8.76 15.21 5.21
CA ILE C 140 -9.40 14.04 5.82
C ILE C 140 -9.93 14.29 7.21
N PRO C 141 -11.27 14.47 7.36
CA PRO C 141 -11.80 14.76 8.67
C PRO C 141 -11.80 13.55 9.58
N ALA C 142 -12.45 13.76 10.71
CA ALA C 142 -12.55 12.78 11.77
C ALA C 142 -13.51 13.31 12.83
N PRO C 143 -13.80 12.46 13.79
CA PRO C 143 -14.76 12.81 14.85
C PRO C 143 -14.13 13.71 15.88
N ASP C 144 -14.99 14.46 16.52
CA ASP C 144 -14.47 15.30 17.56
C ASP C 144 -15.61 15.50 18.57
N VAL C 145 -15.69 16.70 19.17
CA VAL C 145 -16.72 17.04 20.12
C VAL C 145 -18.07 16.83 19.49
N TYR C 146 -18.79 15.94 20.16
CA TYR C 146 -20.15 15.63 19.72
C TYR C 146 -20.33 14.94 18.36
N THR C 147 -19.27 14.50 17.74
CA THR C 147 -19.34 13.73 16.51
C THR C 147 -18.74 12.40 16.86
N ASN C 148 -19.10 11.41 16.10
CA ASN C 148 -18.69 10.05 16.32
C ASN C 148 -18.75 9.23 15.04
N PRO C 149 -18.42 7.93 15.20
CA PRO C 149 -18.33 7.00 14.08
C PRO C 149 -19.56 6.99 13.21
N GLN C 150 -20.70 7.13 13.86
CA GLN C 150 -21.95 7.17 13.15
C GLN C 150 -22.05 8.36 12.22
N ILE C 151 -21.59 9.47 12.76
CA ILE C 151 -21.64 10.69 12.00
C ILE C 151 -20.65 10.62 10.85
N MET C 152 -19.51 9.98 11.13
CA MET C 152 -18.50 9.76 10.14
C MET C 152 -19.04 8.90 9.03
N ALA C 153 -19.77 7.86 9.37
CA ALA C 153 -20.28 6.98 8.35
C ALA C 153 -21.26 7.68 7.43
N TRP C 154 -22.14 8.50 7.96
CA TRP C 154 -23.09 9.15 7.08
C TRP C 154 -22.37 10.12 6.15
N MET C 155 -21.32 10.74 6.69
CA MET C 155 -20.51 11.67 5.91
C MET C 155 -19.76 10.94 4.81
N MET C 156 -19.17 9.79 5.10
CA MET C 156 -18.51 9.04 4.04
C MET C 156 -19.50 8.61 2.91
N ASP C 157 -20.67 8.13 3.29
CA ASP C 157 -21.65 7.63 2.36
C ASP C 157 -22.06 8.72 1.36
N GLU C 158 -22.28 9.91 1.90
CA GLU C 158 -22.67 11.02 1.08
C GLU C 158 -21.48 11.40 0.18
N TYR C 159 -20.28 11.38 0.72
CA TYR C 159 -19.13 11.68 -0.12
C TYR C 159 -19.04 10.67 -1.27
N GLU C 160 -19.30 9.41 -1.00
CA GLU C 160 -19.21 8.36 -1.99
C GLU C 160 -20.27 8.56 -3.03
N THR C 161 -21.41 9.02 -2.57
CA THR C 161 -22.48 9.30 -3.53
C THR C 161 -22.15 10.43 -4.51
N ILE C 162 -21.48 11.47 -4.02
CA ILE C 162 -21.14 12.55 -4.88
C ILE C 162 -19.94 12.26 -5.81
N SER C 163 -18.95 11.57 -5.27
CA SER C 163 -17.80 11.27 -6.05
C SER C 163 -18.03 10.11 -7.02
N ARG C 164 -19.10 9.36 -6.94
CA ARG C 164 -19.35 8.27 -7.87
C ARG C 164 -18.36 7.13 -7.76
N ARG C 165 -17.69 6.92 -6.63
CA ARG C 165 -16.84 5.76 -6.48
C ARG C 165 -15.69 5.76 -7.44
N LYS C 166 -15.28 6.98 -7.76
CA LYS C 166 -14.18 7.10 -8.68
C LYS C 166 -12.88 7.33 -7.96
N THR C 167 -12.96 7.32 -6.65
CA THR C 167 -11.80 7.59 -5.85
C THR C 167 -11.97 6.71 -4.61
N PRO C 168 -10.90 6.36 -3.88
CA PRO C 168 -11.05 5.50 -2.71
C PRO C 168 -11.83 6.23 -1.58
N ALA C 169 -13.16 6.23 -1.64
CA ALA C 169 -14.07 6.93 -0.71
C ALA C 169 -13.94 6.61 0.77
N PHE C 170 -13.61 5.36 1.08
CA PHE C 170 -13.47 5.03 2.49
C PHE C 170 -12.41 5.94 3.07
N GLY C 171 -11.43 6.32 2.23
CA GLY C 171 -10.31 7.14 2.62
C GLY C 171 -10.67 8.61 2.83
N ILE C 172 -11.90 9.05 2.63
CA ILE C 172 -12.21 10.48 2.79
C ILE C 172 -12.22 10.90 4.27
N ILE C 173 -12.49 10.00 5.18
CA ILE C 173 -12.64 10.41 6.57
C ILE C 173 -12.28 9.26 7.52
N THR C 174 -11.79 9.51 8.76
CA THR C 174 -11.40 8.39 9.63
C THR C 174 -12.27 8.32 10.86
N GLY C 175 -12.03 7.39 11.76
CA GLY C 175 -12.95 7.32 12.86
C GLY C 175 -14.19 6.56 12.39
N LYS C 176 -14.04 5.75 11.35
CA LYS C 176 -15.25 5.07 10.88
C LYS C 176 -15.54 3.75 11.62
N PRO C 177 -16.79 3.24 11.46
CA PRO C 177 -17.14 1.94 12.01
C PRO C 177 -16.39 0.88 11.24
N LEU C 178 -16.12 -0.22 11.90
CA LEU C 178 -15.38 -1.27 11.23
C LEU C 178 -16.11 -1.85 10.04
N SER C 179 -17.43 -1.80 10.01
CA SER C 179 -18.08 -2.40 8.86
C SER C 179 -17.70 -1.72 7.53
N ILE C 180 -17.23 -0.50 7.61
CA ILE C 180 -16.94 0.22 6.39
C ILE C 180 -15.60 0.86 6.43
N GLY C 181 -14.62 0.03 6.76
CA GLY C 181 -13.26 0.54 6.73
C GLY C 181 -12.63 1.17 7.96
N GLY C 182 -13.26 1.09 9.15
CA GLY C 182 -12.64 1.61 10.34
C GLY C 182 -11.42 0.72 10.62
N SER C 183 -10.59 1.20 11.53
CA SER C 183 -9.42 0.43 11.89
C SER C 183 -9.53 -0.14 13.28
N LEU C 184 -8.91 -1.29 13.44
CA LEU C 184 -8.85 -1.82 14.78
C LEU C 184 -7.91 -0.91 15.58
N GLY C 185 -8.07 -0.87 16.91
CA GLY C 185 -7.18 -0.13 17.83
C GLY C 185 -7.61 1.31 18.01
N ARG C 186 -8.74 1.66 17.45
CA ARG C 186 -9.14 3.06 17.52
C ARG C 186 -9.50 3.54 18.92
N ILE C 187 -10.31 2.77 19.61
CA ILE C 187 -10.69 3.16 20.96
C ILE C 187 -9.57 3.27 22.01
N GLU C 188 -8.57 2.40 22.01
CA GLU C 188 -7.49 2.46 22.98
C GLU C 188 -6.35 3.35 22.55
N ALA C 189 -6.42 3.88 21.33
CA ALA C 189 -5.32 4.65 20.76
C ALA C 189 -4.64 5.67 21.65
N THR C 190 -5.38 6.60 22.20
CA THR C 190 -4.79 7.66 23.00
C THR C 190 -4.03 7.14 24.20
N ALA C 191 -4.71 6.28 24.94
CA ALA C 191 -4.08 5.63 26.08
C ALA C 191 -2.85 4.85 25.63
N ARG C 192 -3.00 4.03 24.59
CA ARG C 192 -1.90 3.19 24.13
C ARG C 192 -0.66 3.99 23.76
N GLY C 193 -0.91 5.05 23.04
CA GLY C 193 0.15 5.94 22.67
C GLY C 193 0.88 6.49 23.88
N ALA C 194 0.13 7.08 24.82
CA ALA C 194 0.63 7.67 26.05
C ALA C 194 1.51 6.64 26.76
N SER C 195 1.01 5.42 26.78
CA SER C 195 1.73 4.35 27.43
C SER C 195 3.14 4.17 26.91
N TYR C 196 3.34 4.25 25.61
CA TYR C 196 4.70 4.11 25.11
C TYR C 196 5.55 5.32 25.50
N THR C 197 4.89 6.46 25.62
CA THR C 197 5.72 7.60 25.97
C THR C 197 6.13 7.52 27.42
N ILE C 198 5.26 6.97 28.27
CA ILE C 198 5.60 6.89 29.66
C ILE C 198 6.75 5.92 29.79
N ARG C 199 6.65 4.87 29.02
CA ARG C 199 7.69 3.89 28.99
C ARG C 199 9.06 4.43 28.60
N GLU C 200 9.19 5.27 27.58
CA GLU C 200 10.51 5.82 27.25
C GLU C 200 10.93 6.88 28.26
N ALA C 201 9.95 7.55 28.83
CA ALA C 201 10.31 8.56 29.78
C ALA C 201 11.01 7.91 30.98
N ALA C 202 10.45 6.81 31.46
CA ALA C 202 11.05 6.06 32.54
C ALA C 202 12.47 5.70 32.15
N LYS C 203 12.63 5.24 30.94
CA LYS C 203 13.96 4.89 30.52
C LYS C 203 14.87 6.12 30.60
N VAL C 204 14.51 7.28 30.08
CA VAL C 204 15.49 8.34 30.11
C VAL C 204 15.84 8.84 31.49
N LEU C 205 14.93 8.57 32.38
CA LEU C 205 15.03 9.01 33.75
C LEU C 205 15.77 8.00 34.59
N GLY C 206 16.24 6.98 33.91
CA GLY C 206 16.96 5.96 34.59
C GLY C 206 16.08 4.87 35.16
N TRP C 207 14.78 5.07 35.29
CA TRP C 207 14.12 3.90 35.83
C TRP C 207 14.54 2.59 35.19
N ASP C 208 14.58 1.68 36.15
CA ASP C 208 14.95 0.29 36.11
C ASP C 208 13.87 -0.46 35.32
N THR C 209 12.63 -0.25 35.72
CA THR C 209 11.41 -0.84 35.18
C THR C 209 10.26 0.02 35.69
N LEU C 210 9.03 -0.23 35.20
CA LEU C 210 7.80 0.47 35.55
C LEU C 210 7.03 -0.35 36.55
N LYS C 211 7.40 -1.62 36.51
CA LYS C 211 6.84 -2.60 37.38
C LYS C 211 6.85 -2.18 38.84
N GLY C 212 5.66 -2.06 39.40
CA GLY C 212 5.56 -1.64 40.78
C GLY C 212 5.63 -0.13 40.95
N LYS C 213 5.91 0.60 39.89
CA LYS C 213 5.85 2.04 40.08
C LYS C 213 4.38 2.47 40.18
N THR C 214 4.19 3.71 40.61
CA THR C 214 2.86 4.15 40.84
C THR C 214 2.47 5.27 39.93
N ILE C 215 1.20 5.25 39.60
CA ILE C 215 0.70 6.34 38.77
C ILE C 215 -0.66 6.71 39.32
N ALA C 216 -0.97 8.00 39.27
CA ALA C 216 -2.26 8.56 39.63
C ALA C 216 -2.80 9.16 38.33
N ILE C 217 -4.07 8.86 38.07
CA ILE C 217 -4.73 9.29 36.88
C ILE C 217 -5.90 10.18 37.21
N GLN C 218 -5.86 11.41 36.72
CA GLN C 218 -6.99 12.29 36.92
C GLN C 218 -7.92 12.23 35.72
N GLY C 219 -9.11 11.67 35.91
CA GLY C 219 -10.03 11.57 34.81
C GLY C 219 -10.28 10.11 34.61
N TYR C 220 -11.51 9.76 34.37
CA TYR C 220 -11.77 8.35 34.19
C TYR C 220 -12.71 8.08 33.02
N GLY C 221 -12.41 8.71 31.91
CA GLY C 221 -13.19 8.37 30.74
C GLY C 221 -12.39 7.32 29.97
N ASN C 222 -12.63 7.30 28.67
CA ASN C 222 -11.93 6.37 27.80
C ASN C 222 -10.43 6.30 28.01
N ALA C 223 -9.83 7.48 27.94
CA ALA C 223 -8.40 7.55 28.09
C ALA C 223 -7.97 7.25 29.51
N GLY C 224 -8.65 7.82 30.50
CA GLY C 224 -8.21 7.54 31.86
C GLY C 224 -8.42 6.09 32.13
N TYR C 225 -9.57 5.65 31.70
CA TYR C 225 -9.78 4.25 31.94
C TYR C 225 -8.81 3.37 31.20
N TYR C 226 -8.62 3.57 29.91
CA TYR C 226 -7.70 2.65 29.23
C TYR C 226 -6.26 2.77 29.73
N LEU C 227 -5.85 3.97 30.10
CA LEU C 227 -4.48 4.14 30.58
C LEU C 227 -4.25 3.33 31.85
N ALA C 228 -5.26 3.38 32.72
CA ALA C 228 -5.24 2.65 33.99
C ALA C 228 -5.03 1.19 33.70
N LYS C 229 -5.94 0.76 32.84
CA LYS C 229 -5.90 -0.61 32.42
C LYS C 229 -4.55 -1.00 31.79
N ILE C 230 -3.99 -0.17 30.90
CA ILE C 230 -2.76 -0.57 30.29
C ILE C 230 -1.54 -0.56 31.19
N MET C 231 -1.38 0.55 31.89
CA MET C 231 -0.20 0.72 32.74
C MET C 231 -0.09 -0.44 33.70
N SER C 232 -1.23 -0.79 34.26
CA SER C 232 -1.26 -1.87 35.20
C SER C 232 -1.09 -3.22 34.59
N GLU C 233 -2.01 -3.58 33.71
CA GLU C 233 -1.93 -4.87 33.09
C GLU C 233 -0.71 -5.10 32.24
N ASP C 234 -0.30 -4.07 31.52
CA ASP C 234 0.81 -4.32 30.62
C ASP C 234 2.13 -3.90 31.23
N PHE C 235 2.10 -2.99 32.18
CA PHE C 235 3.40 -2.55 32.65
C PHE C 235 3.66 -2.93 34.10
N GLY C 236 2.66 -3.47 34.76
CA GLY C 236 2.85 -3.84 36.15
C GLY C 236 2.98 -2.70 37.17
N MET C 237 2.48 -1.55 36.77
CA MET C 237 2.45 -0.41 37.65
C MET C 237 1.28 -0.49 38.61
N LYS C 238 1.37 0.26 39.69
CA LYS C 238 0.28 0.30 40.65
C LYS C 238 -0.50 1.57 40.41
N VAL C 239 -1.81 1.39 40.20
CA VAL C 239 -2.69 2.55 40.00
C VAL C 239 -3.30 2.83 41.37
N VAL C 240 -2.73 3.79 42.08
CA VAL C 240 -3.14 4.13 43.43
C VAL C 240 -4.29 5.10 43.56
N ALA C 241 -4.59 5.80 42.50
CA ALA C 241 -5.66 6.77 42.54
C ALA C 241 -6.16 7.15 41.16
N VAL C 242 -7.46 7.28 41.04
CA VAL C 242 -8.03 7.72 39.80
C VAL C 242 -9.14 8.61 40.28
N SER C 243 -9.70 9.39 39.40
CA SER C 243 -10.78 10.26 39.77
C SER C 243 -11.68 10.52 38.58
N ASP C 244 -12.81 11.07 38.92
CA ASP C 244 -13.78 11.49 37.96
C ASP C 244 -14.18 12.90 38.37
N SER C 245 -15.19 13.51 37.78
CA SER C 245 -15.52 14.90 38.09
C SER C 245 -16.09 15.08 39.49
N LYS C 246 -16.67 14.01 40.02
CA LYS C 246 -17.25 13.99 41.34
C LYS C 246 -16.25 13.59 42.42
N GLY C 247 -14.99 13.38 42.01
CA GLY C 247 -13.92 13.10 42.96
C GLY C 247 -13.07 11.83 42.77
N GLY C 248 -12.01 11.75 43.58
CA GLY C 248 -11.07 10.66 43.60
C GLY C 248 -11.22 9.61 44.69
N ILE C 249 -10.46 8.55 44.47
CA ILE C 249 -10.30 7.37 45.29
C ILE C 249 -8.84 7.03 45.42
N TYR C 250 -8.49 6.56 46.60
CA TYR C 250 -7.08 6.27 46.82
C TYR C 250 -6.90 4.90 47.44
N ASN C 251 -5.93 4.19 46.90
CA ASN C 251 -5.64 2.88 47.38
C ASN C 251 -4.30 2.46 46.89
N PRO C 252 -3.40 2.61 47.83
CA PRO C 252 -1.97 2.41 47.76
C PRO C 252 -1.51 1.03 47.34
N ASP C 253 -2.43 0.07 47.37
CA ASP C 253 -2.20 -1.29 46.96
C ASP C 253 -2.47 -1.44 45.47
N GLY C 254 -3.00 -0.39 44.85
CA GLY C 254 -3.31 -0.35 43.44
C GLY C 254 -4.76 -0.78 43.22
N LEU C 255 -5.41 -0.13 42.27
CA LEU C 255 -6.81 -0.43 41.94
C LEU C 255 -6.97 -1.29 40.71
N ASN C 256 -8.12 -1.95 40.60
CA ASN C 256 -8.42 -2.72 39.41
C ASN C 256 -9.29 -1.89 38.45
N ALA C 257 -8.66 -1.48 37.35
CA ALA C 257 -9.30 -0.62 36.37
C ALA C 257 -10.72 -1.06 36.04
N ASP C 258 -10.85 -2.33 35.76
CA ASP C 258 -12.16 -2.81 35.44
C ASP C 258 -13.14 -2.68 36.57
N GLU C 259 -12.71 -3.09 37.74
CA GLU C 259 -13.70 -2.98 38.78
C GLU C 259 -14.06 -1.54 39.04
N VAL C 260 -13.05 -0.70 38.95
CA VAL C 260 -13.41 0.66 39.13
C VAL C 260 -14.40 1.10 38.07
N LEU C 261 -14.15 0.60 36.88
CA LEU C 261 -14.99 1.01 35.81
C LEU C 261 -16.41 0.59 36.09
N LYS C 262 -16.56 -0.67 36.45
CA LYS C 262 -17.86 -1.27 36.75
C LYS C 262 -18.61 -0.45 37.83
N TRP C 263 -17.89 -0.12 38.90
CA TRP C 263 -18.41 0.66 40.00
C TRP C 263 -18.91 2.00 39.47
N LYS C 264 -18.09 2.66 38.66
CA LYS C 264 -18.50 3.93 38.12
C LYS C 264 -19.80 3.88 37.35
N ASN C 265 -19.97 2.89 36.48
CA ASN C 265 -21.16 2.74 35.66
C ASN C 265 -22.44 2.66 36.43
N GLU C 266 -22.32 1.77 37.39
CA GLU C 266 -23.34 1.45 38.33
C GLU C 266 -23.67 2.58 39.30
N HIS C 267 -22.62 3.30 39.75
CA HIS C 267 -22.73 4.38 40.72
C HIS C 267 -22.72 5.81 40.19
N GLY C 268 -21.98 6.00 39.08
CA GLY C 268 -21.80 7.31 38.44
C GLY C 268 -20.46 8.01 38.68
N SER C 269 -19.82 7.55 39.76
CA SER C 269 -18.53 8.07 40.14
C SER C 269 -17.68 6.94 40.65
N VAL C 270 -16.39 7.16 40.54
CA VAL C 270 -15.46 6.20 41.04
C VAL C 270 -15.63 6.27 42.54
N LYS C 271 -16.12 7.43 42.93
CA LYS C 271 -16.37 7.72 44.32
C LYS C 271 -17.09 6.60 45.08
N ASP C 272 -16.54 6.36 46.29
CA ASP C 272 -17.03 5.39 47.27
C ASP C 272 -16.69 3.98 46.89
N PHE C 273 -15.75 3.87 45.99
CA PHE C 273 -15.33 2.55 45.67
C PHE C 273 -14.87 1.87 46.95
N PRO C 274 -15.35 0.66 47.11
CA PRO C 274 -15.09 -0.13 48.27
C PRO C 274 -13.66 -0.44 48.56
N GLY C 275 -13.25 -0.19 49.79
CA GLY C 275 -11.90 -0.49 50.26
C GLY C 275 -10.93 0.62 49.90
N ALA C 276 -11.50 1.66 49.33
CA ALA C 276 -10.60 2.70 48.96
C ALA C 276 -10.91 3.89 49.82
N THR C 277 -10.05 4.88 49.77
CA THR C 277 -10.28 6.10 50.50
C THR C 277 -10.65 7.30 49.59
N ASN C 278 -11.80 7.92 49.82
CA ASN C 278 -12.13 9.08 49.04
C ASN C 278 -11.20 10.29 49.16
N ILE C 279 -10.82 10.81 47.99
CA ILE C 279 -10.00 11.99 47.94
C ILE C 279 -10.55 13.04 47.00
N THR C 280 -10.08 14.28 47.11
CA THR C 280 -10.40 15.34 46.16
C THR C 280 -9.44 15.21 44.98
N ASN C 281 -9.84 15.82 43.87
CA ASN C 281 -9.06 15.79 42.64
C ASN C 281 -7.72 16.46 42.90
N GLU C 282 -7.92 17.58 43.54
CA GLU C 282 -6.94 18.52 44.02
C GLU C 282 -5.93 17.76 44.86
N GLU C 283 -6.38 16.85 45.72
CA GLU C 283 -5.45 16.01 46.46
C GLU C 283 -4.79 15.00 45.54
N LEU C 284 -5.57 14.51 44.60
CA LEU C 284 -5.06 13.50 43.70
C LEU C 284 -3.83 14.09 43.02
N LEU C 285 -3.95 15.34 42.58
CA LEU C 285 -2.81 15.89 41.91
C LEU C 285 -1.58 16.00 42.76
N GLU C 286 -1.78 15.94 44.06
CA GLU C 286 -0.65 16.10 44.95
C GLU C 286 -0.06 14.86 45.55
N LEU C 287 -0.69 13.71 45.30
CA LEU C 287 -0.11 12.52 45.83
C LEU C 287 1.33 12.42 45.42
N GLU C 288 1.96 11.49 46.10
CA GLU C 288 3.34 11.26 45.77
C GLU C 288 3.37 9.94 45.04
N VAL C 289 3.38 10.05 43.71
CA VAL C 289 3.42 8.89 42.84
C VAL C 289 4.58 9.08 41.91
N ASP C 290 4.92 8.02 41.19
CA ASP C 290 6.01 8.10 40.26
C ASP C 290 5.63 8.88 39.01
N VAL C 291 4.39 8.59 38.56
CA VAL C 291 3.77 9.16 37.37
C VAL C 291 2.40 9.74 37.66
N LEU C 292 2.24 10.97 37.17
CA LEU C 292 0.95 11.65 37.29
C LEU C 292 0.41 11.85 35.89
N ALA C 293 -0.82 11.47 35.64
CA ALA C 293 -1.33 11.67 34.30
C ALA C 293 -2.68 12.33 34.36
N PRO C 294 -2.70 13.62 34.13
CA PRO C 294 -3.91 14.44 34.04
C PRO C 294 -4.58 14.13 32.71
N ALA C 295 -5.76 13.53 32.77
CA ALA C 295 -6.46 13.04 31.61
C ALA C 295 -7.93 13.39 31.61
N ALA C 296 -8.21 14.58 32.13
CA ALA C 296 -9.54 15.10 32.22
C ALA C 296 -9.66 16.46 31.57
N ILE C 297 -9.40 17.50 32.37
CA ILE C 297 -9.50 18.85 31.85
C ILE C 297 -8.22 19.61 31.97
N GLU C 298 -8.35 20.77 31.40
CA GLU C 298 -7.20 21.60 31.38
C GLU C 298 -7.13 22.49 32.58
N GLU C 299 -5.92 22.96 32.58
CA GLU C 299 -5.53 23.90 33.56
C GLU C 299 -5.80 23.35 34.94
N VAL C 300 -5.25 22.20 35.21
CA VAL C 300 -5.44 21.65 36.52
C VAL C 300 -4.17 21.87 37.32
N ILE C 301 -3.05 22.05 36.65
CA ILE C 301 -1.81 22.29 37.37
C ILE C 301 -1.38 23.70 37.06
N THR C 302 -1.37 24.61 38.03
CA THR C 302 -1.00 26.00 37.78
C THR C 302 0.03 26.61 38.72
N LYS C 303 0.06 27.96 38.68
CA LYS C 303 0.90 28.76 39.57
C LYS C 303 0.73 28.35 41.03
N LYS C 304 -0.54 28.30 41.42
CA LYS C 304 -0.97 27.90 42.75
C LYS C 304 -0.44 26.55 43.26
N ASN C 305 -0.61 25.48 42.47
CA ASN C 305 -0.16 24.16 42.90
C ASN C 305 1.05 23.57 42.23
N ALA C 306 1.49 24.18 41.17
CA ALA C 306 2.64 23.58 40.56
C ALA C 306 3.62 23.12 41.65
N ASP C 307 3.67 23.92 42.71
CA ASP C 307 4.59 23.65 43.78
C ASP C 307 4.46 22.35 44.51
N ASN C 308 3.22 21.89 44.57
CA ASN C 308 2.86 20.71 45.29
C ASN C 308 3.04 19.41 44.54
N ILE C 309 3.19 19.56 43.24
CA ILE C 309 3.38 18.39 42.43
C ILE C 309 4.61 17.65 42.90
N LYS C 310 4.38 16.38 43.20
CA LYS C 310 5.37 15.43 43.65
C LYS C 310 5.81 14.41 42.59
N ALA C 311 5.09 14.30 41.48
CA ALA C 311 5.41 13.28 40.49
C ALA C 311 6.70 13.57 39.75
N LYS C 312 7.40 12.49 39.40
CA LYS C 312 8.63 12.55 38.64
C LYS C 312 8.38 12.82 37.17
N ILE C 313 7.33 12.17 36.69
CA ILE C 313 6.82 12.29 35.33
C ILE C 313 5.35 12.72 35.34
N VAL C 314 5.12 13.71 34.49
CA VAL C 314 3.80 14.25 34.15
C VAL C 314 3.53 14.04 32.66
N ALA C 315 2.60 13.11 32.45
CA ALA C 315 2.08 12.66 31.17
C ALA C 315 0.74 13.34 30.93
N GLU C 316 0.86 14.39 30.12
CA GLU C 316 -0.22 15.26 29.72
C GLU C 316 -1.11 14.57 28.68
N VAL C 317 -2.13 13.86 29.17
CA VAL C 317 -3.06 13.09 28.35
C VAL C 317 -4.17 14.00 27.86
N ALA C 318 -4.70 14.79 28.78
CA ALA C 318 -5.75 15.70 28.38
C ALA C 318 -5.00 16.81 27.64
N ASN C 319 -5.71 17.72 26.99
CA ASN C 319 -4.97 18.85 26.37
C ASN C 319 -4.89 20.03 27.35
N GLY C 320 -3.76 20.72 27.42
CA GLY C 320 -3.59 21.88 28.30
C GLY C 320 -3.81 21.77 29.81
N PRO C 321 -3.54 20.64 30.44
CA PRO C 321 -3.69 20.54 31.88
C PRO C 321 -2.69 21.39 32.67
N VAL C 322 -1.57 21.76 32.08
CA VAL C 322 -0.52 22.51 32.75
C VAL C 322 -0.29 23.88 32.13
N THR C 323 -0.31 24.89 32.99
CA THR C 323 -0.05 26.24 32.53
C THR C 323 1.42 26.55 32.43
N PRO C 324 1.61 27.64 31.72
CA PRO C 324 2.92 28.15 31.41
C PRO C 324 3.70 28.53 32.64
N GLU C 325 3.05 29.17 33.62
CA GLU C 325 3.75 29.51 34.87
C GLU C 325 4.08 28.19 35.52
N ALA C 326 3.07 27.32 35.55
CA ALA C 326 3.35 26.02 36.12
C ALA C 326 4.48 25.30 35.39
N ASP C 327 4.58 25.51 34.08
CA ASP C 327 5.62 24.82 33.32
C ASP C 327 7.00 25.12 33.85
N GLU C 328 7.21 26.42 34.07
CA GLU C 328 8.48 26.98 34.51
C GLU C 328 8.95 26.35 35.80
N ILE C 329 7.98 26.31 36.71
CA ILE C 329 8.25 25.76 38.01
C ILE C 329 8.61 24.30 38.01
N LEU C 330 7.78 23.52 37.33
CA LEU C 330 7.98 22.09 37.30
C LEU C 330 9.27 21.77 36.60
N PHE C 331 9.62 22.65 35.68
CA PHE C 331 10.83 22.43 34.94
C PHE C 331 11.98 22.63 35.92
N GLU C 332 11.77 23.65 36.75
CA GLU C 332 12.74 23.98 37.77
C GLU C 332 12.94 22.86 38.76
N LYS C 333 11.80 22.37 39.23
CA LYS C 333 11.74 21.21 40.12
C LYS C 333 12.36 19.96 39.49
N GLY C 334 12.72 20.00 38.20
CA GLY C 334 13.29 18.84 37.55
C GLY C 334 12.24 17.76 37.22
N ILE C 335 10.94 18.11 37.17
CA ILE C 335 9.95 17.11 36.78
C ILE C 335 9.92 16.95 35.27
N LEU C 336 9.85 15.71 34.80
CA LEU C 336 9.77 15.50 33.35
C LEU C 336 8.34 15.47 32.80
N GLN C 337 8.00 16.44 31.92
CA GLN C 337 6.66 16.51 31.34
C GLN C 337 6.59 15.96 29.93
N ILE C 338 5.56 15.16 29.68
CA ILE C 338 5.28 14.68 28.33
C ILE C 338 4.09 15.54 27.86
N PRO C 339 4.40 16.59 27.10
CA PRO C 339 3.49 17.61 26.59
C PRO C 339 2.29 17.03 25.82
N ASP C 340 1.10 17.59 26.07
CA ASP C 340 -0.13 17.02 25.53
C ASP C 340 -0.05 16.48 24.09
N PHE C 341 0.26 17.38 23.18
CA PHE C 341 0.26 17.09 21.78
C PHE C 341 1.26 16.10 21.35
N LEU C 342 2.10 15.69 22.26
CA LEU C 342 3.03 14.63 21.93
C LEU C 342 2.44 13.43 22.63
N CYS C 343 2.17 13.64 23.91
CA CYS C 343 1.65 12.57 24.73
C CYS C 343 0.39 11.90 24.22
N ASN C 344 -0.58 12.70 23.82
CA ASN C 344 -1.80 12.05 23.40
C ASN C 344 -1.91 11.89 21.89
N ALA C 345 -0.86 11.98 21.10
CA ALA C 345 -0.93 11.88 19.64
C ALA C 345 -1.21 10.48 19.12
N GLY C 346 -1.52 9.53 19.99
CA GLY C 346 -1.76 8.19 19.48
C GLY C 346 -3.03 8.11 18.65
N GLY C 347 -3.98 8.97 19.00
CA GLY C 347 -5.24 8.97 18.23
C GLY C 347 -5.06 9.45 16.77
N VAL C 348 -4.33 10.57 16.59
CA VAL C 348 -4.16 10.99 15.22
C VAL C 348 -3.37 9.93 14.45
N THR C 349 -2.45 9.34 15.21
CA THR C 349 -1.55 8.35 14.68
C THR C 349 -2.29 7.15 14.16
N VAL C 350 -3.26 6.71 14.92
CA VAL C 350 -3.99 5.56 14.43
C VAL C 350 -4.95 6.00 13.33
N SER C 351 -5.35 7.27 13.37
CA SER C 351 -6.22 7.73 12.31
C SER C 351 -5.44 7.71 11.01
N TYR C 352 -4.16 8.02 11.07
CA TYR C 352 -3.30 7.92 9.91
C TYR C 352 -3.23 6.47 9.37
N PHE C 353 -3.04 5.53 10.30
CA PHE C 353 -3.05 4.12 9.93
C PHE C 353 -4.38 3.74 9.28
N GLU C 354 -5.54 4.26 9.72
CA GLU C 354 -6.85 3.96 9.15
C GLU C 354 -6.89 4.41 7.67
N TRP C 355 -6.43 5.64 7.41
CA TRP C 355 -6.32 6.19 6.07
C TRP C 355 -5.43 5.30 5.16
N VAL C 356 -4.26 4.89 5.65
CA VAL C 356 -3.37 4.02 4.94
C VAL C 356 -4.11 2.76 4.53
N GLN C 357 -4.81 2.10 5.47
CA GLN C 357 -5.52 0.87 5.17
C GLN C 357 -6.61 1.11 4.14
N ASN C 358 -7.21 2.30 4.17
CA ASN C 358 -8.30 2.56 3.24
C ASN C 358 -7.80 2.75 1.81
N ILE C 359 -6.72 3.52 1.67
CA ILE C 359 -6.18 3.82 0.37
C ILE C 359 -5.47 2.61 -0.20
N THR C 360 -4.86 1.74 0.61
CA THR C 360 -4.26 0.54 0.01
C THR C 360 -5.23 -0.65 -0.08
N GLY C 361 -6.36 -0.57 0.64
CA GLY C 361 -7.36 -1.62 0.66
C GLY C 361 -6.94 -2.87 1.44
N TYR C 362 -5.87 -2.75 2.24
CA TYR C 362 -5.36 -3.85 3.02
C TYR C 362 -5.44 -3.48 4.48
N TYR C 363 -6.23 -4.26 5.23
CA TYR C 363 -6.46 -3.96 6.64
C TYR C 363 -5.55 -4.64 7.64
N TRP C 364 -5.15 -4.00 8.71
CA TRP C 364 -4.24 -4.64 9.64
C TRP C 364 -4.89 -5.26 10.89
N THR C 365 -4.14 -6.14 11.59
CA THR C 365 -4.51 -6.72 12.86
C THR C 365 -4.14 -5.72 13.94
N ILE C 366 -4.68 -6.00 15.11
CA ILE C 366 -4.45 -5.11 16.19
C ILE C 366 -3.01 -5.14 16.61
N GLU C 367 -2.44 -6.28 16.38
CA GLU C 367 -1.02 -6.41 16.71
C GLU C 367 -0.18 -5.55 15.79
N GLU C 368 -0.51 -5.57 14.50
CA GLU C 368 0.24 -4.73 13.58
C GLU C 368 0.05 -3.25 13.91
N VAL C 369 -1.22 -2.93 14.18
CA VAL C 369 -1.52 -1.57 14.58
C VAL C 369 -0.69 -1.19 15.80
N ARG C 370 -0.76 -1.99 16.84
CA ARG C 370 -0.03 -1.61 18.05
C ARG C 370 1.45 -1.53 17.85
N GLU C 371 1.94 -2.46 17.03
CA GLU C 371 3.35 -2.30 16.85
C GLU C 371 3.80 -1.17 15.99
N ARG C 372 2.98 -0.71 15.06
CA ARG C 372 3.48 0.44 14.31
C ARG C 372 3.28 1.72 15.12
N LEU C 373 2.25 1.68 15.98
CA LEU C 373 2.06 2.83 16.85
C LEU C 373 3.26 3.02 17.78
N ASP C 374 3.78 1.90 18.30
CA ASP C 374 4.92 2.00 19.20
C ASP C 374 6.12 2.67 18.55
N LYS C 375 6.43 2.20 17.36
CA LYS C 375 7.55 2.74 16.64
C LYS C 375 7.41 4.23 16.43
N LYS C 376 6.21 4.59 16.03
CA LYS C 376 5.98 5.99 15.82
C LYS C 376 6.11 6.80 17.09
N MET C 377 5.41 6.37 18.12
CA MET C 377 5.43 7.11 19.36
C MET C 377 6.85 7.17 19.93
N THR C 378 7.50 6.03 19.95
CA THR C 378 8.86 6.00 20.47
C THR C 378 9.80 7.01 19.81
N LYS C 379 9.72 7.03 18.49
CA LYS C 379 10.52 7.97 17.70
C LYS C 379 10.17 9.41 17.95
N ALA C 380 8.88 9.76 17.93
CA ALA C 380 8.48 11.13 18.16
C ALA C 380 9.04 11.57 19.53
N PHE C 381 9.01 10.66 20.51
CA PHE C 381 9.50 10.95 21.85
C PHE C 381 10.96 11.35 21.89
N TYR C 382 11.79 10.49 21.34
CA TYR C 382 13.17 10.85 21.35
C TYR C 382 13.41 12.06 20.50
N ASP C 383 12.65 12.22 19.40
CA ASP C 383 12.89 13.43 18.61
C ASP C 383 12.74 14.63 19.49
N VAL C 384 11.68 14.63 20.31
CA VAL C 384 11.48 15.80 21.17
C VAL C 384 12.52 15.82 22.27
N TYR C 385 12.67 14.70 22.95
CA TYR C 385 13.62 14.62 24.02
C TYR C 385 15.04 15.09 23.66
N ASN C 386 15.60 14.62 22.57
CA ASN C 386 16.93 15.08 22.21
C ASN C 386 17.15 16.59 22.09
N ILE C 387 16.21 17.27 21.47
CA ILE C 387 16.37 18.70 21.34
C ILE C 387 16.34 19.36 22.71
N ALA C 388 15.45 18.83 23.53
CA ALA C 388 15.18 19.36 24.85
C ALA C 388 16.46 19.42 25.62
N LYS C 389 17.14 18.27 25.64
CA LYS C 389 18.39 18.14 26.38
C LYS C 389 19.45 19.03 25.82
N GLU C 390 19.61 18.73 24.57
CA GLU C 390 20.57 19.41 23.79
C GLU C 390 20.38 20.90 23.76
N LYS C 391 19.20 21.39 23.96
CA LYS C 391 19.13 22.83 23.98
C LYS C 391 18.81 23.26 25.41
N ASN C 392 18.71 22.22 26.21
CA ASN C 392 18.38 22.45 27.59
C ASN C 392 17.17 23.39 27.73
N ILE C 393 16.06 22.98 27.11
CA ILE C 393 14.83 23.74 27.18
C ILE C 393 13.69 22.85 27.62
N HIS C 394 12.54 23.46 27.94
CA HIS C 394 11.39 22.65 28.33
C HIS C 394 10.92 21.71 27.19
N MET C 395 10.36 20.52 27.52
CA MET C 395 9.92 19.54 26.53
C MET C 395 8.89 20.14 25.59
N ARG C 396 8.05 20.97 26.13
CA ARG C 396 7.03 21.56 25.33
C ARG C 396 7.65 22.47 24.30
N ASP C 397 8.68 23.24 24.70
CA ASP C 397 9.37 24.12 23.79
C ASP C 397 10.05 23.36 22.67
N ALA C 398 10.63 22.26 23.07
CA ALA C 398 11.30 21.43 22.11
C ALA C 398 10.31 20.80 21.12
N ALA C 399 9.10 20.51 21.60
CA ALA C 399 8.08 19.92 20.79
C ALA C 399 7.65 20.90 19.69
N TYR C 400 7.49 22.18 20.01
CA TYR C 400 7.19 23.17 19.00
C TYR C 400 8.31 23.37 17.99
N VAL C 401 9.54 23.28 18.48
CA VAL C 401 10.72 23.44 17.68
C VAL C 401 10.76 22.35 16.58
N VAL C 402 10.60 21.09 16.99
CA VAL C 402 10.58 19.95 16.09
C VAL C 402 9.48 20.12 15.06
N ALA C 403 8.29 20.45 15.53
CA ALA C 403 7.14 20.67 14.68
C ALA C 403 7.29 21.83 13.71
N VAL C 404 7.57 23.02 14.19
CA VAL C 404 7.70 24.16 13.30
C VAL C 404 8.82 23.98 12.29
N GLN C 405 9.94 23.44 12.72
CA GLN C 405 11.05 23.22 11.82
C GLN C 405 10.66 22.36 10.61
N ARG C 406 9.84 21.34 10.86
CA ARG C 406 9.47 20.45 9.75
C ARG C 406 8.58 21.12 8.72
N VAL C 407 7.58 21.82 9.26
CA VAL C 407 6.64 22.51 8.43
C VAL C 407 7.41 23.55 7.63
N TYR C 408 8.18 24.37 8.33
CA TYR C 408 8.98 25.39 7.69
C TYR C 408 9.88 24.81 6.58
N GLN C 409 10.51 23.70 6.92
CA GLN C 409 11.34 23.15 5.87
C GLN C 409 10.53 22.73 4.64
N ALA C 410 9.37 22.13 4.85
CA ALA C 410 8.56 21.74 3.69
C ALA C 410 8.14 22.97 2.87
N MET C 411 7.82 24.07 3.55
CA MET C 411 7.43 25.29 2.84
C MET C 411 8.56 25.84 1.95
N LEU C 412 9.73 25.77 2.49
CA LEU C 412 10.85 26.26 1.75
C LEU C 412 11.15 25.38 0.56
N ASP C 413 11.05 24.08 0.80
CA ASP C 413 11.36 23.17 -0.29
C ASP C 413 10.43 23.41 -1.47
N ARG C 414 9.18 23.74 -1.14
CA ARG C 414 8.19 23.94 -2.18
C ARG C 414 8.35 25.27 -2.84
N GLY C 415 9.06 26.17 -2.18
CA GLY C 415 9.16 27.48 -2.73
C GLY C 415 8.04 28.41 -2.26
N TRP C 416 7.25 28.05 -1.23
CA TRP C 416 6.18 28.94 -0.75
C TRP C 416 6.70 30.18 -0.03
N VAL C 417 7.88 30.07 0.61
CA VAL C 417 8.61 31.18 1.24
C VAL C 417 10.01 31.07 0.68
N LYS C 418 10.66 32.19 0.42
CA LYS C 418 11.95 32.07 -0.22
C LYS C 418 13.06 32.03 0.79
N HIS C 419 12.73 32.38 2.03
CA HIS C 419 13.72 32.34 3.09
C HIS C 419 13.17 31.80 4.40
S SO4 D . -13.63 -34.10 -18.01
O1 SO4 D . -14.40 -33.03 -18.73
O2 SO4 D . -13.76 -35.41 -18.72
O3 SO4 D . -12.15 -33.75 -17.92
O4 SO4 D . -14.17 -34.19 -16.62
S SO4 E . -11.38 -26.63 -12.45
O1 SO4 E . -11.63 -26.33 -13.93
O2 SO4 E . -10.77 -28.02 -12.37
O3 SO4 E . -10.41 -25.61 -11.85
O4 SO4 E . -12.69 -26.58 -11.65
S SO4 F . 28.07 10.73 -9.51
O1 SO4 F . 26.61 10.40 -9.71
O2 SO4 F . 28.55 9.64 -8.62
O3 SO4 F . 28.84 10.68 -10.79
O4 SO4 F . 28.21 12.10 -8.93
S SO4 G . 36.02 15.28 -10.62
O1 SO4 G . 35.61 16.04 -11.82
O2 SO4 G . 35.14 15.55 -9.45
O3 SO4 G . 37.44 15.67 -10.24
O4 SO4 G . 35.91 13.84 -10.97
S SO4 H . -12.10 10.33 27.14
O1 SO4 H . -12.06 11.39 28.20
O2 SO4 H . -11.46 10.80 25.89
O3 SO4 H . -11.34 9.18 27.69
O4 SO4 H . -13.54 9.93 26.90
S SO4 I . -17.31 12.11 34.67
O1 SO4 I . -16.85 13.55 34.55
O2 SO4 I . -16.22 11.18 34.18
O3 SO4 I . -17.68 11.83 36.11
O4 SO4 I . -18.51 11.90 33.81
#